data_1BOR
# 
_entry.id   1BOR 
# 
_audit_conform.dict_name       mmcif_pdbx.dic 
_audit_conform.dict_version    5.392 
_audit_conform.dict_location   http://mmcif.pdb.org/dictionaries/ascii/mmcif_pdbx.dic 
# 
loop_
_database_2.database_id 
_database_2.database_code 
_database_2.pdbx_database_accession 
_database_2.pdbx_DOI 
PDB   1BOR         pdb_00001bor 10.2210/pdb1bor/pdb 
WWPDB D_1000171968 ?            ?                   
# 
loop_
_pdbx_audit_revision_history.ordinal 
_pdbx_audit_revision_history.data_content_type 
_pdbx_audit_revision_history.major_revision 
_pdbx_audit_revision_history.minor_revision 
_pdbx_audit_revision_history.revision_date 
1 'Structure model' 1 0 1997-04-01 
2 'Structure model' 1 1 2008-03-24 
3 'Structure model' 1 2 2011-07-13 
4 'Structure model' 1 3 2022-02-16 
5 'Structure model' 1 4 2024-05-22 
# 
_pdbx_audit_revision_details.ordinal             1 
_pdbx_audit_revision_details.revision_ordinal    1 
_pdbx_audit_revision_details.data_content_type   'Structure model' 
_pdbx_audit_revision_details.provider            repository 
_pdbx_audit_revision_details.type                'Initial release' 
_pdbx_audit_revision_details.description         ? 
_pdbx_audit_revision_details.details             ? 
# 
loop_
_pdbx_audit_revision_group.ordinal 
_pdbx_audit_revision_group.revision_ordinal 
_pdbx_audit_revision_group.data_content_type 
_pdbx_audit_revision_group.group 
1 2 'Structure model' 'Version format compliance' 
2 3 'Structure model' 'Version format compliance' 
3 4 'Structure model' 'Database references'       
4 4 'Structure model' 'Derived calculations'      
5 4 'Structure model' Other                       
6 5 'Structure model' 'Data collection'           
# 
loop_
_pdbx_audit_revision_category.ordinal 
_pdbx_audit_revision_category.revision_ordinal 
_pdbx_audit_revision_category.data_content_type 
_pdbx_audit_revision_category.category 
1 4 'Structure model' database_2             
2 4 'Structure model' pdbx_database_status   
3 4 'Structure model' pdbx_struct_assembly   
4 4 'Structure model' pdbx_struct_conn_angle 
5 4 'Structure model' pdbx_struct_oper_list  
6 4 'Structure model' struct_conn            
7 4 'Structure model' struct_site            
8 5 'Structure model' chem_comp_atom         
9 5 'Structure model' chem_comp_bond         
# 
loop_
_pdbx_audit_revision_item.ordinal 
_pdbx_audit_revision_item.revision_ordinal 
_pdbx_audit_revision_item.data_content_type 
_pdbx_audit_revision_item.item 
1  4 'Structure model' '_database_2.pdbx_DOI'                        
2  4 'Structure model' '_database_2.pdbx_database_accession'         
3  4 'Structure model' '_pdbx_database_status.process_site'          
4  4 'Structure model' '_pdbx_struct_conn_angle.ptnr1_auth_comp_id'  
5  4 'Structure model' '_pdbx_struct_conn_angle.ptnr1_auth_seq_id'   
6  4 'Structure model' '_pdbx_struct_conn_angle.ptnr1_label_atom_id' 
7  4 'Structure model' '_pdbx_struct_conn_angle.ptnr1_label_comp_id' 
8  4 'Structure model' '_pdbx_struct_conn_angle.ptnr1_label_seq_id'  
9  4 'Structure model' '_pdbx_struct_conn_angle.ptnr3_auth_comp_id'  
10 4 'Structure model' '_pdbx_struct_conn_angle.ptnr3_auth_seq_id'   
11 4 'Structure model' '_pdbx_struct_conn_angle.ptnr3_label_atom_id' 
12 4 'Structure model' '_pdbx_struct_conn_angle.ptnr3_label_comp_id' 
13 4 'Structure model' '_pdbx_struct_conn_angle.ptnr3_label_seq_id'  
14 4 'Structure model' '_pdbx_struct_conn_angle.value'               
15 4 'Structure model' '_struct_conn.pdbx_dist_value'                
16 4 'Structure model' '_struct_conn.ptnr1_auth_comp_id'             
17 4 'Structure model' '_struct_conn.ptnr1_auth_seq_id'              
18 4 'Structure model' '_struct_conn.ptnr1_label_asym_id'            
19 4 'Structure model' '_struct_conn.ptnr1_label_atom_id'            
20 4 'Structure model' '_struct_conn.ptnr1_label_comp_id'            
21 4 'Structure model' '_struct_conn.ptnr1_label_seq_id'             
22 4 'Structure model' '_struct_conn.ptnr2_auth_comp_id'             
23 4 'Structure model' '_struct_conn.ptnr2_auth_seq_id'              
24 4 'Structure model' '_struct_conn.ptnr2_label_asym_id'            
25 4 'Structure model' '_struct_conn.ptnr2_label_atom_id'            
26 4 'Structure model' '_struct_conn.ptnr2_label_comp_id'            
27 4 'Structure model' '_struct_conn.ptnr2_label_seq_id'             
28 4 'Structure model' '_struct_site.pdbx_auth_asym_id'              
29 4 'Structure model' '_struct_site.pdbx_auth_comp_id'              
30 4 'Structure model' '_struct_site.pdbx_auth_seq_id'               
# 
_pdbx_database_status.status_code                     REL 
_pdbx_database_status.entry_id                        1BOR 
_pdbx_database_status.recvd_initial_deposition_date   1995-09-27 
_pdbx_database_status.deposit_site                    ? 
_pdbx_database_status.process_site                    BNL 
_pdbx_database_status.status_code_sf                  ? 
_pdbx_database_status.status_code_mr                  REL 
_pdbx_database_status.SG_entry                        ? 
_pdbx_database_status.pdb_format_compatible           Y 
_pdbx_database_status.status_code_cs                  ? 
_pdbx_database_status.status_code_nmr_data            ? 
_pdbx_database_status.methods_development_category    ? 
# 
loop_
_audit_author.name 
_audit_author.pdbx_ordinal 
'Borden, K.L.B.' 1 
'Freemont, P.S.' 2 
# 
loop_
_citation.id 
_citation.title 
_citation.journal_abbrev 
_citation.journal_volume 
_citation.page_first 
_citation.page_last 
_citation.year 
_citation.journal_id_ASTM 
_citation.country 
_citation.journal_id_ISSN 
_citation.journal_id_CSD 
_citation.book_publisher 
_citation.pdbx_database_id_PubMed 
_citation.pdbx_database_id_DOI 
primary 'The solution structure of the RING finger domain from the acute promyelocytic leukaemia proto-oncoprotein PML.' 'EMBO J.' 
14  1532 1541 1995 EMJODG UK 0261-4189 0897 ? 7729428 ? 
1       'The Ring Finger. A Novel Protein Sequence Motif Related to the Zinc Finger'                                     
Ann.N.Y.Acad.Sci. 684 174  ?    1993 ANYAA9 US 0077-8923 0332 ? ?       ? 
# 
loop_
_citation_author.citation_id 
_citation_author.name 
_citation_author.ordinal 
_citation_author.identifier_ORCID 
primary 'Borden, K.L.'   1 ? 
primary 'Boddy, M.N.'    2 ? 
primary 'Lally, J.'      3 ? 
primary 
;O'Reilly, N.J.
;
4 ? 
primary 'Martin, S.'     5 ? 
primary 'Howe, K.'       6 ? 
primary 'Solomon, E.'    7 ? 
primary 'Freemont, P.S.' 8 ? 
1       'Freemont, P.S.' 9 ? 
# 
loop_
_entity.id 
_entity.type 
_entity.src_method 
_entity.pdbx_description 
_entity.formula_weight 
_entity.pdbx_number_of_molecules 
_entity.pdbx_ec 
_entity.pdbx_mutation 
_entity.pdbx_fragment 
_entity.details 
1 polymer     man 'TRANSCRIPTION FACTOR PML' 6113.134 1 ? ? 'RING FINGER DOMAIN, RESIDUES 49 - 104' ? 
2 non-polymer syn 'ZINC ION'                 65.409   2 ? ? ?                                       ? 
# 
_entity_poly.entity_id                      1 
_entity_poly.type                           'polypeptide(L)' 
_entity_poly.nstd_linkage                   no 
_entity_poly.nstd_monomer                   no 
_entity_poly.pdbx_seq_one_letter_code       EEEFQFLRCQQCQAEAKCPKLLPCLHTLCSGCLEASGMQCPICQAPWPLGADTPAL 
_entity_poly.pdbx_seq_one_letter_code_can   EEEFQFLRCQQCQAEAKCPKLLPCLHTLCSGCLEASGMQCPICQAPWPLGADTPAL 
_entity_poly.pdbx_strand_id                 A 
_entity_poly.pdbx_target_identifier         ? 
# 
_pdbx_entity_nonpoly.entity_id   2 
_pdbx_entity_nonpoly.name        'ZINC ION' 
_pdbx_entity_nonpoly.comp_id     ZN 
# 
loop_
_entity_poly_seq.entity_id 
_entity_poly_seq.num 
_entity_poly_seq.mon_id 
_entity_poly_seq.hetero 
1 1  GLU n 
1 2  GLU n 
1 3  GLU n 
1 4  PHE n 
1 5  GLN n 
1 6  PHE n 
1 7  LEU n 
1 8  ARG n 
1 9  CYS n 
1 10 GLN n 
1 11 GLN n 
1 12 CYS n 
1 13 GLN n 
1 14 ALA n 
1 15 GLU n 
1 16 ALA n 
1 17 LYS n 
1 18 CYS n 
1 19 PRO n 
1 20 LYS n 
1 21 LEU n 
1 22 LEU n 
1 23 PRO n 
1 24 CYS n 
1 25 LEU n 
1 26 HIS n 
1 27 THR n 
1 28 LEU n 
1 29 CYS n 
1 30 SER n 
1 31 GLY n 
1 32 CYS n 
1 33 LEU n 
1 34 GLU n 
1 35 ALA n 
1 36 SER n 
1 37 GLY n 
1 38 MET n 
1 39 GLN n 
1 40 CYS n 
1 41 PRO n 
1 42 ILE n 
1 43 CYS n 
1 44 GLN n 
1 45 ALA n 
1 46 PRO n 
1 47 TRP n 
1 48 PRO n 
1 49 LEU n 
1 50 GLY n 
1 51 ALA n 
1 52 ASP n 
1 53 THR n 
1 54 PRO n 
1 55 ALA n 
1 56 LEU n 
# 
_entity_src_gen.entity_id                          1 
_entity_src_gen.pdbx_src_id                        1 
_entity_src_gen.pdbx_alt_source_flag               sample 
_entity_src_gen.pdbx_seq_type                      ? 
_entity_src_gen.pdbx_beg_seq_num                   ? 
_entity_src_gen.pdbx_end_seq_num                   ? 
_entity_src_gen.gene_src_common_name               human 
_entity_src_gen.gene_src_genus                     Homo 
_entity_src_gen.pdbx_gene_src_gene                 ? 
_entity_src_gen.gene_src_species                   ? 
_entity_src_gen.gene_src_strain                    ? 
_entity_src_gen.gene_src_tissue                    ? 
_entity_src_gen.gene_src_tissue_fraction           ? 
_entity_src_gen.gene_src_details                   ? 
_entity_src_gen.pdbx_gene_src_fragment             ? 
_entity_src_gen.pdbx_gene_src_scientific_name      'Homo sapiens' 
_entity_src_gen.pdbx_gene_src_ncbi_taxonomy_id     9606 
_entity_src_gen.pdbx_gene_src_variant              ? 
_entity_src_gen.pdbx_gene_src_cell_line            ? 
_entity_src_gen.pdbx_gene_src_atcc                 ? 
_entity_src_gen.pdbx_gene_src_organ                ? 
_entity_src_gen.pdbx_gene_src_organelle            ? 
_entity_src_gen.pdbx_gene_src_cell                 ? 
_entity_src_gen.pdbx_gene_src_cellular_location    ? 
_entity_src_gen.host_org_common_name               ? 
_entity_src_gen.pdbx_host_org_scientific_name      ? 
_entity_src_gen.pdbx_host_org_ncbi_taxonomy_id     ? 
_entity_src_gen.host_org_genus                     ? 
_entity_src_gen.pdbx_host_org_gene                 ? 
_entity_src_gen.pdbx_host_org_organ                ? 
_entity_src_gen.host_org_species                   ? 
_entity_src_gen.pdbx_host_org_tissue               ? 
_entity_src_gen.pdbx_host_org_tissue_fraction      ? 
_entity_src_gen.pdbx_host_org_strain               ? 
_entity_src_gen.pdbx_host_org_variant              ? 
_entity_src_gen.pdbx_host_org_cell_line            ? 
_entity_src_gen.pdbx_host_org_atcc                 ? 
_entity_src_gen.pdbx_host_org_culture_collection   ? 
_entity_src_gen.pdbx_host_org_cell                 ? 
_entity_src_gen.pdbx_host_org_organelle            ? 
_entity_src_gen.pdbx_host_org_cellular_location    ? 
_entity_src_gen.pdbx_host_org_vector_type          ? 
_entity_src_gen.pdbx_host_org_vector               ? 
_entity_src_gen.host_org_details                   ? 
_entity_src_gen.expression_system_id               ? 
_entity_src_gen.plasmid_name                       ? 
_entity_src_gen.plasmid_details                    ? 
_entity_src_gen.pdbx_description                   ? 
# 
loop_
_chem_comp.id 
_chem_comp.type 
_chem_comp.mon_nstd_flag 
_chem_comp.name 
_chem_comp.pdbx_synonyms 
_chem_comp.formula 
_chem_comp.formula_weight 
ALA 'L-peptide linking' y ALANINE         ? 'C3 H7 N O2'     89.093  
ARG 'L-peptide linking' y ARGININE        ? 'C6 H15 N4 O2 1' 175.209 
ASP 'L-peptide linking' y 'ASPARTIC ACID' ? 'C4 H7 N O4'     133.103 
CYS 'L-peptide linking' y CYSTEINE        ? 'C3 H7 N O2 S'   121.158 
GLN 'L-peptide linking' y GLUTAMINE       ? 'C5 H10 N2 O3'   146.144 
GLU 'L-peptide linking' y 'GLUTAMIC ACID' ? 'C5 H9 N O4'     147.129 
GLY 'peptide linking'   y GLYCINE         ? 'C2 H5 N O2'     75.067  
HIS 'L-peptide linking' y HISTIDINE       ? 'C6 H10 N3 O2 1' 156.162 
ILE 'L-peptide linking' y ISOLEUCINE      ? 'C6 H13 N O2'    131.173 
LEU 'L-peptide linking' y LEUCINE         ? 'C6 H13 N O2'    131.173 
LYS 'L-peptide linking' y LYSINE          ? 'C6 H15 N2 O2 1' 147.195 
MET 'L-peptide linking' y METHIONINE      ? 'C5 H11 N O2 S'  149.211 
PHE 'L-peptide linking' y PHENYLALANINE   ? 'C9 H11 N O2'    165.189 
PRO 'L-peptide linking' y PROLINE         ? 'C5 H9 N O2'     115.130 
SER 'L-peptide linking' y SERINE          ? 'C3 H7 N O3'     105.093 
THR 'L-peptide linking' y THREONINE       ? 'C4 H9 N O3'     119.119 
TRP 'L-peptide linking' y TRYPTOPHAN      ? 'C11 H12 N2 O2'  204.225 
ZN  non-polymer         . 'ZINC ION'      ? 'Zn 2'           65.409  
# 
loop_
_pdbx_poly_seq_scheme.asym_id 
_pdbx_poly_seq_scheme.entity_id 
_pdbx_poly_seq_scheme.seq_id 
_pdbx_poly_seq_scheme.mon_id 
_pdbx_poly_seq_scheme.ndb_seq_num 
_pdbx_poly_seq_scheme.pdb_seq_num 
_pdbx_poly_seq_scheme.auth_seq_num 
_pdbx_poly_seq_scheme.pdb_mon_id 
_pdbx_poly_seq_scheme.auth_mon_id 
_pdbx_poly_seq_scheme.pdb_strand_id 
_pdbx_poly_seq_scheme.pdb_ins_code 
_pdbx_poly_seq_scheme.hetero 
A 1 1  GLU 1  1  1  GLU GLU A . n 
A 1 2  GLU 2  2  2  GLU GLU A . n 
A 1 3  GLU 3  3  3  GLU GLU A . n 
A 1 4  PHE 4  4  4  PHE PHE A . n 
A 1 5  GLN 5  5  5  GLN GLN A . n 
A 1 6  PHE 6  6  6  PHE PHE A . n 
A 1 7  LEU 7  7  7  LEU LEU A . n 
A 1 8  ARG 8  8  8  ARG ARG A . n 
A 1 9  CYS 9  9  9  CYS CYS A . n 
A 1 10 GLN 10 10 10 GLN GLN A . n 
A 1 11 GLN 11 11 11 GLN GLN A . n 
A 1 12 CYS 12 12 12 CYS CYS A . n 
A 1 13 GLN 13 13 13 GLN GLN A . n 
A 1 14 ALA 14 14 14 ALA ALA A . n 
A 1 15 GLU 15 15 15 GLU GLU A . n 
A 1 16 ALA 16 16 16 ALA ALA A . n 
A 1 17 LYS 17 17 17 LYS LYS A . n 
A 1 18 CYS 18 18 18 CYS CYS A . n 
A 1 19 PRO 19 19 19 PRO PRO A . n 
A 1 20 LYS 20 20 20 LYS LYS A . n 
A 1 21 LEU 21 21 21 LEU LEU A . n 
A 1 22 LEU 22 22 22 LEU LEU A . n 
A 1 23 PRO 23 23 23 PRO PRO A . n 
A 1 24 CYS 24 24 24 CYS CYS A . n 
A 1 25 LEU 25 25 25 LEU LEU A . n 
A 1 26 HIS 26 26 26 HIS HIS A . n 
A 1 27 THR 27 27 27 THR THR A . n 
A 1 28 LEU 28 28 28 LEU LEU A . n 
A 1 29 CYS 29 29 29 CYS CYS A . n 
A 1 30 SER 30 30 30 SER SER A . n 
A 1 31 GLY 31 31 31 GLY GLY A . n 
A 1 32 CYS 32 32 32 CYS CYS A . n 
A 1 33 LEU 33 33 33 LEU LEU A . n 
A 1 34 GLU 34 34 34 GLU GLU A . n 
A 1 35 ALA 35 35 35 ALA ALA A . n 
A 1 36 SER 36 36 36 SER SER A . n 
A 1 37 GLY 37 37 37 GLY GLY A . n 
A 1 38 MET 38 38 38 MET MET A . n 
A 1 39 GLN 39 39 39 GLN GLN A . n 
A 1 40 CYS 40 40 40 CYS CYS A . n 
A 1 41 PRO 41 41 41 PRO PRO A . n 
A 1 42 ILE 42 42 42 ILE ILE A . n 
A 1 43 CYS 43 43 43 CYS CYS A . n 
A 1 44 GLN 44 44 44 GLN GLN A . n 
A 1 45 ALA 45 45 45 ALA ALA A . n 
A 1 46 PRO 46 46 46 PRO PRO A . n 
A 1 47 TRP 47 47 47 TRP TRP A . n 
A 1 48 PRO 48 48 48 PRO PRO A . n 
A 1 49 LEU 49 49 49 LEU LEU A . n 
A 1 50 GLY 50 50 50 GLY GLY A . n 
A 1 51 ALA 51 51 51 ALA ALA A . n 
A 1 52 ASP 52 52 52 ASP ASP A . n 
A 1 53 THR 53 53 53 THR THR A . n 
A 1 54 PRO 54 54 54 PRO PRO A . n 
A 1 55 ALA 55 55 55 ALA ALA A . n 
A 1 56 LEU 56 56 56 LEU LEU A . n 
# 
loop_
_pdbx_nonpoly_scheme.asym_id 
_pdbx_nonpoly_scheme.entity_id 
_pdbx_nonpoly_scheme.mon_id 
_pdbx_nonpoly_scheme.ndb_seq_num 
_pdbx_nonpoly_scheme.pdb_seq_num 
_pdbx_nonpoly_scheme.auth_seq_num 
_pdbx_nonpoly_scheme.pdb_mon_id 
_pdbx_nonpoly_scheme.auth_mon_id 
_pdbx_nonpoly_scheme.pdb_strand_id 
_pdbx_nonpoly_scheme.pdb_ins_code 
B 2 ZN 1 57 57 ZN ZN A . 
C 2 ZN 1 58 58 ZN ZN A . 
# 
_cell.entry_id           1BOR 
_cell.length_a           1.000 
_cell.length_b           1.000 
_cell.length_c           1.000 
_cell.angle_alpha        90.00 
_cell.angle_beta         90.00 
_cell.angle_gamma        90.00 
_cell.Z_PDB              1 
_cell.pdbx_unique_axis   ? 
# 
_symmetry.entry_id                         1BOR 
_symmetry.space_group_name_H-M             'P 1' 
_symmetry.pdbx_full_space_group_name_H-M   ? 
_symmetry.cell_setting                     ? 
_symmetry.Int_Tables_number                1 
# 
_exptl.entry_id          1BOR 
_exptl.method            'SOLUTION NMR' 
_exptl.crystals_number   ? 
# 
_struct.entry_id                  1BOR 
_struct.title                     
'TRANSCRIPTION FACTOR PML, A PROTO-ONCOPROTEIN, NMR, 1 REPRESENTATIVE STRUCTURE AT PH 7.5, 30 C, IN THE PRESENCE OF ZINC' 
_struct.pdbx_model_details        ? 
_struct.pdbx_CASP_flag            ? 
_struct.pdbx_model_type_details   ? 
# 
_struct_keywords.entry_id        1BOR 
_struct_keywords.pdbx_keywords   'TRANSCRIPTION REGULATION' 
_struct_keywords.text            'PROTO-ONCOGENE, NUCLEAR BODIES (PODS), LEUKEMIA, TRANSCRIPTION REGULATION' 
# 
loop_
_struct_asym.id 
_struct_asym.pdbx_blank_PDB_chainid_flag 
_struct_asym.pdbx_modified 
_struct_asym.entity_id 
_struct_asym.details 
A Y N 1 ? 
B N N 2 ? 
C N N 2 ? 
# 
_struct_ref.id                         1 
_struct_ref.db_name                    UNP 
_struct_ref.db_code                    PML_HUMAN 
_struct_ref.entity_id                  1 
_struct_ref.pdbx_db_accession          P29590 
_struct_ref.pdbx_align_begin           1 
_struct_ref.pdbx_seq_one_letter_code   
;MEPAPARSPRPQQDPARPQEPTMPPPETPSEGRQPSPSPSPTERAPASEEEFQFLRCQQCQAEAKCPKLLPCLHTLCSGC
LEASGMQCPICQAPWPLGADTPALDNVFFESLQRRLSVYRQIVDAQAVCTRCKESADFWCFECEQLLCAKCFEAHQWFLK
HEARPLAELRNQSVREFLDGTRKTNNIFCSNPNHRTPTLTSIYCRGCSKPLCCSCALLDSSHSELKCDISAEIQQRQEEL
DAMTQALQEQDSAFGAVHAQMHAAVGQLGRARAETEELIRERVRQVVAHVRAQERELLEAVDARYQRDYEEMASRLGRLD
AVLQRIRTGSALVQRMKCYASDQEVLDMHGFLRQALCRLRQEEPQSLQAAVRTDGFDEFKVRLQDLSSCITQGKDAAVSK
KASPEAASTPRDPIDVDLPEEAERVKAQVQALGLAEAQPMAVVQSVPGAHPVPVYAFSIKGPSYGEDVSNTTTAQKRKCS
QTQCPRKVIKMESEEGKEARLARSSPEQPRPSTSKAVSPPHLDGPPSPRSPVIGSEVFLPNSNHVASGAGEAEERVVVIS
SSEDSDAENSSSRELDDSSSESSDLQLEGPSTLRVLDENLADPQAEDRPLVFFDLKIDNETQKISQLAAVNRESKFRVVI
QPEALFSIYSKAVSLEVGLQHFLSFLSSMRRPILACYKLWGPGLPNFFRALEDINRLWEFQEAISGFLAALPLIRERVPG
ASSFKLKNLAQTYLARNMSERSAMAAVLAMRDLCRLLEVSPGPQLAQHVYPFSSLQCFASLQPLVQAAVLPRAEARLLAL
HNVSFMELLSAHRRDRQGGLKKYSRYLSLQTTTLPPAQPAFNLQALGTYFEGLLEGPALARAEGVSTPLAGRGLAERASQ
QS
;
_struct_ref.pdbx_db_isoform            ? 
# 
_struct_ref_seq.align_id                      1 
_struct_ref_seq.ref_id                        1 
_struct_ref_seq.pdbx_PDB_id_code              1BOR 
_struct_ref_seq.pdbx_strand_id                A 
_struct_ref_seq.seq_align_beg                 1 
_struct_ref_seq.pdbx_seq_align_beg_ins_code   ? 
_struct_ref_seq.seq_align_end                 56 
_struct_ref_seq.pdbx_seq_align_end_ins_code   ? 
_struct_ref_seq.pdbx_db_accession             P29590 
_struct_ref_seq.db_align_beg                  49 
_struct_ref_seq.pdbx_db_align_beg_ins_code    ? 
_struct_ref_seq.db_align_end                  104 
_struct_ref_seq.pdbx_db_align_end_ins_code    ? 
_struct_ref_seq.pdbx_auth_seq_align_beg       1 
_struct_ref_seq.pdbx_auth_seq_align_end       56 
# 
_pdbx_struct_assembly.id                   1 
_pdbx_struct_assembly.details              author_defined_assembly 
_pdbx_struct_assembly.method_details       ? 
_pdbx_struct_assembly.oligomeric_details   monomeric 
_pdbx_struct_assembly.oligomeric_count     1 
# 
_pdbx_struct_assembly_gen.assembly_id       1 
_pdbx_struct_assembly_gen.oper_expression   1 
_pdbx_struct_assembly_gen.asym_id_list      A,B,C 
# 
_pdbx_struct_oper_list.id                   1 
_pdbx_struct_oper_list.type                 'identity operation' 
_pdbx_struct_oper_list.name                 1_555 
_pdbx_struct_oper_list.symmetry_operation   x,y,z 
_pdbx_struct_oper_list.matrix[1][1]         1.0000000000 
_pdbx_struct_oper_list.matrix[1][2]         0.0000000000 
_pdbx_struct_oper_list.matrix[1][3]         0.0000000000 
_pdbx_struct_oper_list.vector[1]            0.0000000000 
_pdbx_struct_oper_list.matrix[2][1]         0.0000000000 
_pdbx_struct_oper_list.matrix[2][2]         1.0000000000 
_pdbx_struct_oper_list.matrix[2][3]         0.0000000000 
_pdbx_struct_oper_list.vector[2]            0.0000000000 
_pdbx_struct_oper_list.matrix[3][1]         0.0000000000 
_pdbx_struct_oper_list.matrix[3][2]         0.0000000000 
_pdbx_struct_oper_list.matrix[3][3]         1.0000000000 
_pdbx_struct_oper_list.vector[3]            0.0000000000 
# 
_struct_biol.id        1 
_struct_biol.details   ? 
# 
loop_
_struct_conf.conf_type_id 
_struct_conf.id 
_struct_conf.pdbx_PDB_helix_id 
_struct_conf.beg_label_comp_id 
_struct_conf.beg_label_asym_id 
_struct_conf.beg_label_seq_id 
_struct_conf.pdbx_beg_PDB_ins_code 
_struct_conf.end_label_comp_id 
_struct_conf.end_label_asym_id 
_struct_conf.end_label_seq_id 
_struct_conf.pdbx_end_PDB_ins_code 
_struct_conf.beg_auth_comp_id 
_struct_conf.beg_auth_asym_id 
_struct_conf.beg_auth_seq_id 
_struct_conf.end_auth_comp_id 
_struct_conf.end_auth_asym_id 
_struct_conf.end_auth_seq_id 
_struct_conf.pdbx_PDB_helix_class 
_struct_conf.details 
_struct_conf.pdbx_PDB_helix_length 
HELX_P HELX_P1 1 GLU A 34 ? MET A 38 ? GLU A 34 MET A 38 1 RIGHT-HANDED        5 
HELX_P HELX_P2 1 ALA A 45 ? PRO A 48 ? ALA A 45 PRO A 48 5 'RIGHT-HANDED 3/10' 4 
# 
_struct_conf_type.id          HELX_P 
_struct_conf_type.criteria    ? 
_struct_conf_type.reference   ? 
# 
loop_
_struct_conn.id 
_struct_conn.conn_type_id 
_struct_conn.pdbx_leaving_atom_flag 
_struct_conn.pdbx_PDB_id 
_struct_conn.ptnr1_label_asym_id 
_struct_conn.ptnr1_label_comp_id 
_struct_conn.ptnr1_label_seq_id 
_struct_conn.ptnr1_label_atom_id 
_struct_conn.pdbx_ptnr1_label_alt_id 
_struct_conn.pdbx_ptnr1_PDB_ins_code 
_struct_conn.pdbx_ptnr1_standard_comp_id 
_struct_conn.ptnr1_symmetry 
_struct_conn.ptnr2_label_asym_id 
_struct_conn.ptnr2_label_comp_id 
_struct_conn.ptnr2_label_seq_id 
_struct_conn.ptnr2_label_atom_id 
_struct_conn.pdbx_ptnr2_label_alt_id 
_struct_conn.pdbx_ptnr2_PDB_ins_code 
_struct_conn.ptnr1_auth_asym_id 
_struct_conn.ptnr1_auth_comp_id 
_struct_conn.ptnr1_auth_seq_id 
_struct_conn.ptnr2_auth_asym_id 
_struct_conn.ptnr2_auth_comp_id 
_struct_conn.ptnr2_auth_seq_id 
_struct_conn.ptnr2_symmetry 
_struct_conn.pdbx_ptnr3_label_atom_id 
_struct_conn.pdbx_ptnr3_label_seq_id 
_struct_conn.pdbx_ptnr3_label_comp_id 
_struct_conn.pdbx_ptnr3_label_asym_id 
_struct_conn.pdbx_ptnr3_label_alt_id 
_struct_conn.pdbx_ptnr3_PDB_ins_code 
_struct_conn.details 
_struct_conn.pdbx_dist_value 
_struct_conn.pdbx_value_order 
_struct_conn.pdbx_role 
metalc1 metalc ? ? A CYS 9  SG  ? ? ? 1_555 B ZN . ZN ? ? A CYS 9  A ZN 57 1_555 ? ? ? ? ? ? ? 2.296 ? ? 
metalc2 metalc ? ? A CYS 12 SG  ? ? ? 1_555 B ZN . ZN ? ? A CYS 12 A ZN 57 1_555 ? ? ? ? ? ? ? 2.287 ? ? 
metalc3 metalc ? ? A CYS 24 SG  ? ? ? 1_555 C ZN . ZN ? ? A CYS 24 A ZN 58 1_555 ? ? ? ? ? ? ? 2.261 ? ? 
metalc4 metalc ? ? A CYS 24 O   ? ? ? 1_555 C ZN . ZN ? ? A CYS 24 A ZN 58 1_555 ? ? ? ? ? ? ? 2.670 ? ? 
metalc5 metalc ? ? A HIS 26 ND1 ? ? ? 1_555 C ZN . ZN ? ? A HIS 26 A ZN 58 1_555 ? ? ? ? ? ? ? 1.934 ? ? 
metalc6 metalc ? ? A CYS 29 SG  ? ? ? 1_555 B ZN . ZN ? ? A CYS 29 A ZN 57 1_555 ? ? ? ? ? ? ? 2.281 ? ? 
metalc7 metalc ? ? A CYS 32 SG  ? ? ? 1_555 B ZN . ZN ? ? A CYS 32 A ZN 57 1_555 ? ? ? ? ? ? ? 2.300 ? ? 
metalc8 metalc ? ? A CYS 40 SG  ? ? ? 1_555 C ZN . ZN ? ? A CYS 40 A ZN 58 1_555 ? ? ? ? ? ? ? 2.267 ? ? 
metalc9 metalc ? ? A CYS 43 SG  ? ? ? 1_555 C ZN . ZN ? ? A CYS 43 A ZN 58 1_555 ? ? ? ? ? ? ? 2.288 ? ? 
# 
_struct_conn_type.id          metalc 
_struct_conn_type.criteria    ? 
_struct_conn_type.reference   ? 
# 
loop_
_pdbx_struct_conn_angle.id 
_pdbx_struct_conn_angle.ptnr1_label_atom_id 
_pdbx_struct_conn_angle.ptnr1_label_alt_id 
_pdbx_struct_conn_angle.ptnr1_label_asym_id 
_pdbx_struct_conn_angle.ptnr1_label_comp_id 
_pdbx_struct_conn_angle.ptnr1_label_seq_id 
_pdbx_struct_conn_angle.ptnr1_auth_atom_id 
_pdbx_struct_conn_angle.ptnr1_auth_asym_id 
_pdbx_struct_conn_angle.ptnr1_auth_comp_id 
_pdbx_struct_conn_angle.ptnr1_auth_seq_id 
_pdbx_struct_conn_angle.ptnr1_PDB_ins_code 
_pdbx_struct_conn_angle.ptnr1_symmetry 
_pdbx_struct_conn_angle.ptnr2_label_atom_id 
_pdbx_struct_conn_angle.ptnr2_label_alt_id 
_pdbx_struct_conn_angle.ptnr2_label_asym_id 
_pdbx_struct_conn_angle.ptnr2_label_comp_id 
_pdbx_struct_conn_angle.ptnr2_label_seq_id 
_pdbx_struct_conn_angle.ptnr2_auth_atom_id 
_pdbx_struct_conn_angle.ptnr2_auth_asym_id 
_pdbx_struct_conn_angle.ptnr2_auth_comp_id 
_pdbx_struct_conn_angle.ptnr2_auth_seq_id 
_pdbx_struct_conn_angle.ptnr2_PDB_ins_code 
_pdbx_struct_conn_angle.ptnr2_symmetry 
_pdbx_struct_conn_angle.ptnr3_label_atom_id 
_pdbx_struct_conn_angle.ptnr3_label_alt_id 
_pdbx_struct_conn_angle.ptnr3_label_asym_id 
_pdbx_struct_conn_angle.ptnr3_label_comp_id 
_pdbx_struct_conn_angle.ptnr3_label_seq_id 
_pdbx_struct_conn_angle.ptnr3_auth_atom_id 
_pdbx_struct_conn_angle.ptnr3_auth_asym_id 
_pdbx_struct_conn_angle.ptnr3_auth_comp_id 
_pdbx_struct_conn_angle.ptnr3_auth_seq_id 
_pdbx_struct_conn_angle.ptnr3_PDB_ins_code 
_pdbx_struct_conn_angle.ptnr3_symmetry 
_pdbx_struct_conn_angle.value 
_pdbx_struct_conn_angle.value_esd 
1  SG  ? A CYS 9  ? A CYS 9  ? 1_555 ZN ? B ZN . ? A ZN 57 ? 1_555 SG  ? A CYS 12 ? A CYS 12 ? 1_555 106.6 ? 
2  SG  ? A CYS 9  ? A CYS 9  ? 1_555 ZN ? B ZN . ? A ZN 57 ? 1_555 SG  ? A CYS 29 ? A CYS 29 ? 1_555 110.5 ? 
3  SG  ? A CYS 12 ? A CYS 12 ? 1_555 ZN ? B ZN . ? A ZN 57 ? 1_555 SG  ? A CYS 29 ? A CYS 29 ? 1_555 112.1 ? 
4  SG  ? A CYS 9  ? A CYS 9  ? 1_555 ZN ? B ZN . ? A ZN 57 ? 1_555 SG  ? A CYS 32 ? A CYS 32 ? 1_555 108.5 ? 
5  SG  ? A CYS 12 ? A CYS 12 ? 1_555 ZN ? B ZN . ? A ZN 57 ? 1_555 SG  ? A CYS 32 ? A CYS 32 ? 1_555 109.8 ? 
6  SG  ? A CYS 29 ? A CYS 29 ? 1_555 ZN ? B ZN . ? A ZN 57 ? 1_555 SG  ? A CYS 32 ? A CYS 32 ? 1_555 109.2 ? 
7  SG  ? A CYS 24 ? A CYS 24 ? 1_555 ZN ? C ZN . ? A ZN 58 ? 1_555 O   ? A CYS 24 ? A CYS 24 ? 1_555 64.8  ? 
8  SG  ? A CYS 24 ? A CYS 24 ? 1_555 ZN ? C ZN . ? A ZN 58 ? 1_555 ND1 ? A HIS 26 ? A HIS 26 ? 1_555 106.9 ? 
9  O   ? A CYS 24 ? A CYS 24 ? 1_555 ZN ? C ZN . ? A ZN 58 ? 1_555 ND1 ? A HIS 26 ? A HIS 26 ? 1_555 88.8  ? 
10 SG  ? A CYS 24 ? A CYS 24 ? 1_555 ZN ? C ZN . ? A ZN 58 ? 1_555 SG  ? A CYS 40 ? A CYS 40 ? 1_555 112.5 ? 
11 O   ? A CYS 24 ? A CYS 24 ? 1_555 ZN ? C ZN . ? A ZN 58 ? 1_555 SG  ? A CYS 40 ? A CYS 40 ? 1_555 64.8  ? 
12 ND1 ? A HIS 26 ? A HIS 26 ? 1_555 ZN ? C ZN . ? A ZN 58 ? 1_555 SG  ? A CYS 40 ? A CYS 40 ? 1_555 113.9 ? 
13 SG  ? A CYS 24 ? A CYS 24 ? 1_555 ZN ? C ZN . ? A ZN 58 ? 1_555 SG  ? A CYS 43 ? A CYS 43 ? 1_555 111.3 ? 
14 O   ? A CYS 24 ? A CYS 24 ? 1_555 ZN ? C ZN . ? A ZN 58 ? 1_555 SG  ? A CYS 43 ? A CYS 43 ? 1_555 170.4 ? 
15 ND1 ? A HIS 26 ? A HIS 26 ? 1_555 ZN ? C ZN . ? A ZN 58 ? 1_555 SG  ? A CYS 43 ? A CYS 43 ? 1_555 100.8 ? 
16 SG  ? A CYS 40 ? A CYS 40 ? 1_555 ZN ? C ZN . ? A ZN 58 ? 1_555 SG  ? A CYS 43 ? A CYS 43 ? 1_555 110.9 ? 
# 
_struct_sheet.id               B1 
_struct_sheet.type             ? 
_struct_sheet.number_strands   4 
_struct_sheet.details          ? 
# 
loop_
_struct_sheet_order.sheet_id 
_struct_sheet_order.range_id_1 
_struct_sheet_order.range_id_2 
_struct_sheet_order.offset 
_struct_sheet_order.sense 
B1 1 2 ? anti-parallel 
B1 2 3 ? anti-parallel 
B1 3 4 ? parallel      
# 
loop_
_struct_sheet_range.sheet_id 
_struct_sheet_range.id 
_struct_sheet_range.beg_label_comp_id 
_struct_sheet_range.beg_label_asym_id 
_struct_sheet_range.beg_label_seq_id 
_struct_sheet_range.pdbx_beg_PDB_ins_code 
_struct_sheet_range.end_label_comp_id 
_struct_sheet_range.end_label_asym_id 
_struct_sheet_range.end_label_seq_id 
_struct_sheet_range.pdbx_end_PDB_ins_code 
_struct_sheet_range.beg_auth_comp_id 
_struct_sheet_range.beg_auth_asym_id 
_struct_sheet_range.beg_auth_seq_id 
_struct_sheet_range.end_auth_comp_id 
_struct_sheet_range.end_auth_asym_id 
_struct_sheet_range.end_auth_seq_id 
B1 1 GLN A 5  ? ARG A 8  ? GLN A 5  ARG A 8  
B1 2 PRO A 19 ? LEU A 21 ? PRO A 19 LEU A 21 
B1 3 HIS A 26 ? LEU A 28 ? HIS A 26 LEU A 28 
B1 4 THR A 53 ? LEU A 56 ? THR A 53 LEU A 56 
# 
loop_
_struct_site.id 
_struct_site.pdbx_evidence_code 
_struct_site.pdbx_auth_asym_id 
_struct_site.pdbx_auth_comp_id 
_struct_site.pdbx_auth_seq_id 
_struct_site.pdbx_auth_ins_code 
_struct_site.pdbx_num_residues 
_struct_site.details 
ZN1 Unknown  ? ?  ?  ? 5 'FIRST ZINC BINDING SITE.'         
ZN2 Unknown  ? ?  ?  ? 5 'SECOND ZINC BINDING SITE.'        
AC1 Software A ZN 57 ? 4 'BINDING SITE FOR RESIDUE ZN A 57' 
AC2 Software A ZN 58 ? 5 'BINDING SITE FOR RESIDUE ZN A 58' 
# 
loop_
_struct_site_gen.id 
_struct_site_gen.site_id 
_struct_site_gen.pdbx_num_res 
_struct_site_gen.label_comp_id 
_struct_site_gen.label_asym_id 
_struct_site_gen.label_seq_id 
_struct_site_gen.pdbx_auth_ins_code 
_struct_site_gen.auth_comp_id 
_struct_site_gen.auth_asym_id 
_struct_site_gen.auth_seq_id 
_struct_site_gen.label_atom_id 
_struct_site_gen.label_alt_id 
_struct_site_gen.symmetry 
_struct_site_gen.details 
1  ZN1 5 CYS A 9  ? CYS A 9  . ? 1_555 ? 
2  ZN1 5 CYS A 12 ? CYS A 12 . ? 1_555 ? 
3  ZN1 5 CYS A 29 ? CYS A 29 . ? 1_555 ? 
4  ZN1 5 CYS A 32 ? CYS A 32 . ? 1_555 ? 
5  ZN1 5 ZN  B .  ? ZN  A 57 . ? 1_555 ? 
6  ZN2 5 HIS A 26 ? HIS A 26 . ? 1_555 ? 
7  ZN2 5 CYS A 24 ? CYS A 24 . ? 1_555 ? 
8  ZN2 5 CYS A 40 ? CYS A 40 . ? 1_555 ? 
9  ZN2 5 CYS A 43 ? CYS A 43 . ? 1_555 ? 
10 ZN2 5 ZN  C .  ? ZN  A 58 . ? 1_555 ? 
11 AC1 4 CYS A 9  ? CYS A 9  . ? 1_555 ? 
12 AC1 4 CYS A 12 ? CYS A 12 . ? 1_555 ? 
13 AC1 4 CYS A 29 ? CYS A 29 . ? 1_555 ? 
14 AC1 4 CYS A 32 ? CYS A 32 . ? 1_555 ? 
15 AC2 5 LYS A 20 ? LYS A 20 . ? 1_555 ? 
16 AC2 5 CYS A 24 ? CYS A 24 . ? 1_555 ? 
17 AC2 5 HIS A 26 ? HIS A 26 . ? 1_555 ? 
18 AC2 5 CYS A 40 ? CYS A 40 . ? 1_555 ? 
19 AC2 5 CYS A 43 ? CYS A 43 . ? 1_555 ? 
# 
loop_
_pdbx_validate_torsion.id 
_pdbx_validate_torsion.PDB_model_num 
_pdbx_validate_torsion.auth_comp_id 
_pdbx_validate_torsion.auth_asym_id 
_pdbx_validate_torsion.auth_seq_id 
_pdbx_validate_torsion.PDB_ins_code 
_pdbx_validate_torsion.label_alt_id 
_pdbx_validate_torsion.phi 
_pdbx_validate_torsion.psi 
1  1 GLU A 3  ? ? 59.69   -94.90  
2  1 GLN A 5  ? ? -157.18 15.96   
3  1 LEU A 7  ? ? -160.86 23.29   
4  1 ARG A 8  ? ? -127.31 -75.51  
5  1 ALA A 14 ? ? -126.32 -63.93  
6  1 GLU A 15 ? ? -150.02 86.24   
7  1 ALA A 16 ? ? 21.27   99.55   
8  1 LYS A 20 ? ? -47.49  154.15  
9  1 LEU A 21 ? ? -38.65  160.40  
10 1 CYS A 24 ? ? -113.94 63.16   
11 1 LEU A 25 ? ? 27.22   57.24   
12 1 LEU A 28 ? ? -81.31  -109.66 
13 1 SER A 30 ? ? -51.79  89.52   
14 1 GLU A 34 ? ? -169.18 65.00   
15 1 ALA A 35 ? ? 47.55   25.50   
16 1 GLN A 39 ? ? 132.22  65.66   
17 1 ILE A 42 ? ? 30.91   38.28   
18 1 CYS A 43 ? ? -38.28  -78.52  
19 1 GLN A 44 ? ? 24.10   71.89   
20 1 ALA A 45 ? ? -171.14 -64.39  
21 1 ALA A 51 ? ? -100.22 -99.99  
22 1 ALA A 55 ? ? 74.15   -178.38 
# 
_pdbx_validate_planes.id              1 
_pdbx_validate_planes.PDB_model_num   1 
_pdbx_validate_planes.auth_comp_id    ARG 
_pdbx_validate_planes.auth_asym_id    A 
_pdbx_validate_planes.auth_seq_id     8 
_pdbx_validate_planes.PDB_ins_code    ? 
_pdbx_validate_planes.label_alt_id    ? 
_pdbx_validate_planes.rmsd            0.177 
_pdbx_validate_planes.type            'SIDE CHAIN' 
# 
_pdbx_nmr_ensemble.entry_id                                      1BOR 
_pdbx_nmr_ensemble.conformers_calculated_total_number            ? 
_pdbx_nmr_ensemble.conformers_submitted_total_number             1 
_pdbx_nmr_ensemble.conformer_selection_criteria                  'REPRESENTATIVE STRUCTURE' 
_pdbx_nmr_ensemble.average_constraints_per_residue               ? 
_pdbx_nmr_ensemble.average_constraint_violations_per_residue     ? 
_pdbx_nmr_ensemble.maximum_distance_constraint_violation         ? 
_pdbx_nmr_ensemble.average_distance_constraint_violation         ? 
_pdbx_nmr_ensemble.maximum_upper_distance_constraint_violation   ? 
_pdbx_nmr_ensemble.maximum_lower_distance_constraint_violation   ? 
_pdbx_nmr_ensemble.distance_constraint_violation_method          ? 
_pdbx_nmr_ensemble.maximum_torsion_angle_constraint_violation    ? 
_pdbx_nmr_ensemble.average_torsion_angle_constraint_violation    ? 
_pdbx_nmr_ensemble.torsion_angle_constraint_violation_method     ? 
# 
_pdbx_nmr_exptl_sample_conditions.conditions_id       1 
_pdbx_nmr_exptl_sample_conditions.temperature         303 
_pdbx_nmr_exptl_sample_conditions.pressure            ? 
_pdbx_nmr_exptl_sample_conditions.pH                  7.5 
_pdbx_nmr_exptl_sample_conditions.ionic_strength      ? 
_pdbx_nmr_exptl_sample_conditions.pressure_units      . 
_pdbx_nmr_exptl_sample_conditions.temperature_units   K 
# 
loop_
_chem_comp_atom.comp_id 
_chem_comp_atom.atom_id 
_chem_comp_atom.type_symbol 
_chem_comp_atom.pdbx_aromatic_flag 
_chem_comp_atom.pdbx_stereo_config 
_chem_comp_atom.pdbx_ordinal 
ALA N    N  N N 1   
ALA CA   C  N S 2   
ALA C    C  N N 3   
ALA O    O  N N 4   
ALA CB   C  N N 5   
ALA OXT  O  N N 6   
ALA H    H  N N 7   
ALA H2   H  N N 8   
ALA HA   H  N N 9   
ALA HB1  H  N N 10  
ALA HB2  H  N N 11  
ALA HB3  H  N N 12  
ALA HXT  H  N N 13  
ARG N    N  N N 14  
ARG CA   C  N S 15  
ARG C    C  N N 16  
ARG O    O  N N 17  
ARG CB   C  N N 18  
ARG CG   C  N N 19  
ARG CD   C  N N 20  
ARG NE   N  N N 21  
ARG CZ   C  N N 22  
ARG NH1  N  N N 23  
ARG NH2  N  N N 24  
ARG OXT  O  N N 25  
ARG H    H  N N 26  
ARG H2   H  N N 27  
ARG HA   H  N N 28  
ARG HB2  H  N N 29  
ARG HB3  H  N N 30  
ARG HG2  H  N N 31  
ARG HG3  H  N N 32  
ARG HD2  H  N N 33  
ARG HD3  H  N N 34  
ARG HE   H  N N 35  
ARG HH11 H  N N 36  
ARG HH12 H  N N 37  
ARG HH21 H  N N 38  
ARG HH22 H  N N 39  
ARG HXT  H  N N 40  
ASP N    N  N N 41  
ASP CA   C  N S 42  
ASP C    C  N N 43  
ASP O    O  N N 44  
ASP CB   C  N N 45  
ASP CG   C  N N 46  
ASP OD1  O  N N 47  
ASP OD2  O  N N 48  
ASP OXT  O  N N 49  
ASP H    H  N N 50  
ASP H2   H  N N 51  
ASP HA   H  N N 52  
ASP HB2  H  N N 53  
ASP HB3  H  N N 54  
ASP HD2  H  N N 55  
ASP HXT  H  N N 56  
CYS N    N  N N 57  
CYS CA   C  N R 58  
CYS C    C  N N 59  
CYS O    O  N N 60  
CYS CB   C  N N 61  
CYS SG   S  N N 62  
CYS OXT  O  N N 63  
CYS H    H  N N 64  
CYS H2   H  N N 65  
CYS HA   H  N N 66  
CYS HB2  H  N N 67  
CYS HB3  H  N N 68  
CYS HG   H  N N 69  
CYS HXT  H  N N 70  
GLN N    N  N N 71  
GLN CA   C  N S 72  
GLN C    C  N N 73  
GLN O    O  N N 74  
GLN CB   C  N N 75  
GLN CG   C  N N 76  
GLN CD   C  N N 77  
GLN OE1  O  N N 78  
GLN NE2  N  N N 79  
GLN OXT  O  N N 80  
GLN H    H  N N 81  
GLN H2   H  N N 82  
GLN HA   H  N N 83  
GLN HB2  H  N N 84  
GLN HB3  H  N N 85  
GLN HG2  H  N N 86  
GLN HG3  H  N N 87  
GLN HE21 H  N N 88  
GLN HE22 H  N N 89  
GLN HXT  H  N N 90  
GLU N    N  N N 91  
GLU CA   C  N S 92  
GLU C    C  N N 93  
GLU O    O  N N 94  
GLU CB   C  N N 95  
GLU CG   C  N N 96  
GLU CD   C  N N 97  
GLU OE1  O  N N 98  
GLU OE2  O  N N 99  
GLU OXT  O  N N 100 
GLU H    H  N N 101 
GLU H2   H  N N 102 
GLU HA   H  N N 103 
GLU HB2  H  N N 104 
GLU HB3  H  N N 105 
GLU HG2  H  N N 106 
GLU HG3  H  N N 107 
GLU HE2  H  N N 108 
GLU HXT  H  N N 109 
GLY N    N  N N 110 
GLY CA   C  N N 111 
GLY C    C  N N 112 
GLY O    O  N N 113 
GLY OXT  O  N N 114 
GLY H    H  N N 115 
GLY H2   H  N N 116 
GLY HA2  H  N N 117 
GLY HA3  H  N N 118 
GLY HXT  H  N N 119 
HIS N    N  N N 120 
HIS CA   C  N S 121 
HIS C    C  N N 122 
HIS O    O  N N 123 
HIS CB   C  N N 124 
HIS CG   C  Y N 125 
HIS ND1  N  Y N 126 
HIS CD2  C  Y N 127 
HIS CE1  C  Y N 128 
HIS NE2  N  Y N 129 
HIS OXT  O  N N 130 
HIS H    H  N N 131 
HIS H2   H  N N 132 
HIS HA   H  N N 133 
HIS HB2  H  N N 134 
HIS HB3  H  N N 135 
HIS HD1  H  N N 136 
HIS HD2  H  N N 137 
HIS HE1  H  N N 138 
HIS HE2  H  N N 139 
HIS HXT  H  N N 140 
ILE N    N  N N 141 
ILE CA   C  N S 142 
ILE C    C  N N 143 
ILE O    O  N N 144 
ILE CB   C  N S 145 
ILE CG1  C  N N 146 
ILE CG2  C  N N 147 
ILE CD1  C  N N 148 
ILE OXT  O  N N 149 
ILE H    H  N N 150 
ILE H2   H  N N 151 
ILE HA   H  N N 152 
ILE HB   H  N N 153 
ILE HG12 H  N N 154 
ILE HG13 H  N N 155 
ILE HG21 H  N N 156 
ILE HG22 H  N N 157 
ILE HG23 H  N N 158 
ILE HD11 H  N N 159 
ILE HD12 H  N N 160 
ILE HD13 H  N N 161 
ILE HXT  H  N N 162 
LEU N    N  N N 163 
LEU CA   C  N S 164 
LEU C    C  N N 165 
LEU O    O  N N 166 
LEU CB   C  N N 167 
LEU CG   C  N N 168 
LEU CD1  C  N N 169 
LEU CD2  C  N N 170 
LEU OXT  O  N N 171 
LEU H    H  N N 172 
LEU H2   H  N N 173 
LEU HA   H  N N 174 
LEU HB2  H  N N 175 
LEU HB3  H  N N 176 
LEU HG   H  N N 177 
LEU HD11 H  N N 178 
LEU HD12 H  N N 179 
LEU HD13 H  N N 180 
LEU HD21 H  N N 181 
LEU HD22 H  N N 182 
LEU HD23 H  N N 183 
LEU HXT  H  N N 184 
LYS N    N  N N 185 
LYS CA   C  N S 186 
LYS C    C  N N 187 
LYS O    O  N N 188 
LYS CB   C  N N 189 
LYS CG   C  N N 190 
LYS CD   C  N N 191 
LYS CE   C  N N 192 
LYS NZ   N  N N 193 
LYS OXT  O  N N 194 
LYS H    H  N N 195 
LYS H2   H  N N 196 
LYS HA   H  N N 197 
LYS HB2  H  N N 198 
LYS HB3  H  N N 199 
LYS HG2  H  N N 200 
LYS HG3  H  N N 201 
LYS HD2  H  N N 202 
LYS HD3  H  N N 203 
LYS HE2  H  N N 204 
LYS HE3  H  N N 205 
LYS HZ1  H  N N 206 
LYS HZ2  H  N N 207 
LYS HZ3  H  N N 208 
LYS HXT  H  N N 209 
MET N    N  N N 210 
MET CA   C  N S 211 
MET C    C  N N 212 
MET O    O  N N 213 
MET CB   C  N N 214 
MET CG   C  N N 215 
MET SD   S  N N 216 
MET CE   C  N N 217 
MET OXT  O  N N 218 
MET H    H  N N 219 
MET H2   H  N N 220 
MET HA   H  N N 221 
MET HB2  H  N N 222 
MET HB3  H  N N 223 
MET HG2  H  N N 224 
MET HG3  H  N N 225 
MET HE1  H  N N 226 
MET HE2  H  N N 227 
MET HE3  H  N N 228 
MET HXT  H  N N 229 
PHE N    N  N N 230 
PHE CA   C  N S 231 
PHE C    C  N N 232 
PHE O    O  N N 233 
PHE CB   C  N N 234 
PHE CG   C  Y N 235 
PHE CD1  C  Y N 236 
PHE CD2  C  Y N 237 
PHE CE1  C  Y N 238 
PHE CE2  C  Y N 239 
PHE CZ   C  Y N 240 
PHE OXT  O  N N 241 
PHE H    H  N N 242 
PHE H2   H  N N 243 
PHE HA   H  N N 244 
PHE HB2  H  N N 245 
PHE HB3  H  N N 246 
PHE HD1  H  N N 247 
PHE HD2  H  N N 248 
PHE HE1  H  N N 249 
PHE HE2  H  N N 250 
PHE HZ   H  N N 251 
PHE HXT  H  N N 252 
PRO N    N  N N 253 
PRO CA   C  N S 254 
PRO C    C  N N 255 
PRO O    O  N N 256 
PRO CB   C  N N 257 
PRO CG   C  N N 258 
PRO CD   C  N N 259 
PRO OXT  O  N N 260 
PRO H    H  N N 261 
PRO HA   H  N N 262 
PRO HB2  H  N N 263 
PRO HB3  H  N N 264 
PRO HG2  H  N N 265 
PRO HG3  H  N N 266 
PRO HD2  H  N N 267 
PRO HD3  H  N N 268 
PRO HXT  H  N N 269 
SER N    N  N N 270 
SER CA   C  N S 271 
SER C    C  N N 272 
SER O    O  N N 273 
SER CB   C  N N 274 
SER OG   O  N N 275 
SER OXT  O  N N 276 
SER H    H  N N 277 
SER H2   H  N N 278 
SER HA   H  N N 279 
SER HB2  H  N N 280 
SER HB3  H  N N 281 
SER HG   H  N N 282 
SER HXT  H  N N 283 
THR N    N  N N 284 
THR CA   C  N S 285 
THR C    C  N N 286 
THR O    O  N N 287 
THR CB   C  N R 288 
THR OG1  O  N N 289 
THR CG2  C  N N 290 
THR OXT  O  N N 291 
THR H    H  N N 292 
THR H2   H  N N 293 
THR HA   H  N N 294 
THR HB   H  N N 295 
THR HG1  H  N N 296 
THR HG21 H  N N 297 
THR HG22 H  N N 298 
THR HG23 H  N N 299 
THR HXT  H  N N 300 
TRP N    N  N N 301 
TRP CA   C  N S 302 
TRP C    C  N N 303 
TRP O    O  N N 304 
TRP CB   C  N N 305 
TRP CG   C  Y N 306 
TRP CD1  C  Y N 307 
TRP CD2  C  Y N 308 
TRP NE1  N  Y N 309 
TRP CE2  C  Y N 310 
TRP CE3  C  Y N 311 
TRP CZ2  C  Y N 312 
TRP CZ3  C  Y N 313 
TRP CH2  C  Y N 314 
TRP OXT  O  N N 315 
TRP H    H  N N 316 
TRP H2   H  N N 317 
TRP HA   H  N N 318 
TRP HB2  H  N N 319 
TRP HB3  H  N N 320 
TRP HD1  H  N N 321 
TRP HE1  H  N N 322 
TRP HE3  H  N N 323 
TRP HZ2  H  N N 324 
TRP HZ3  H  N N 325 
TRP HH2  H  N N 326 
TRP HXT  H  N N 327 
ZN  ZN   ZN N N 328 
# 
loop_
_chem_comp_bond.comp_id 
_chem_comp_bond.atom_id_1 
_chem_comp_bond.atom_id_2 
_chem_comp_bond.value_order 
_chem_comp_bond.pdbx_aromatic_flag 
_chem_comp_bond.pdbx_stereo_config 
_chem_comp_bond.pdbx_ordinal 
ALA N   CA   sing N N 1   
ALA N   H    sing N N 2   
ALA N   H2   sing N N 3   
ALA CA  C    sing N N 4   
ALA CA  CB   sing N N 5   
ALA CA  HA   sing N N 6   
ALA C   O    doub N N 7   
ALA C   OXT  sing N N 8   
ALA CB  HB1  sing N N 9   
ALA CB  HB2  sing N N 10  
ALA CB  HB3  sing N N 11  
ALA OXT HXT  sing N N 12  
ARG N   CA   sing N N 13  
ARG N   H    sing N N 14  
ARG N   H2   sing N N 15  
ARG CA  C    sing N N 16  
ARG CA  CB   sing N N 17  
ARG CA  HA   sing N N 18  
ARG C   O    doub N N 19  
ARG C   OXT  sing N N 20  
ARG CB  CG   sing N N 21  
ARG CB  HB2  sing N N 22  
ARG CB  HB3  sing N N 23  
ARG CG  CD   sing N N 24  
ARG CG  HG2  sing N N 25  
ARG CG  HG3  sing N N 26  
ARG CD  NE   sing N N 27  
ARG CD  HD2  sing N N 28  
ARG CD  HD3  sing N N 29  
ARG NE  CZ   sing N N 30  
ARG NE  HE   sing N N 31  
ARG CZ  NH1  sing N N 32  
ARG CZ  NH2  doub N N 33  
ARG NH1 HH11 sing N N 34  
ARG NH1 HH12 sing N N 35  
ARG NH2 HH21 sing N N 36  
ARG NH2 HH22 sing N N 37  
ARG OXT HXT  sing N N 38  
ASP N   CA   sing N N 39  
ASP N   H    sing N N 40  
ASP N   H2   sing N N 41  
ASP CA  C    sing N N 42  
ASP CA  CB   sing N N 43  
ASP CA  HA   sing N N 44  
ASP C   O    doub N N 45  
ASP C   OXT  sing N N 46  
ASP CB  CG   sing N N 47  
ASP CB  HB2  sing N N 48  
ASP CB  HB3  sing N N 49  
ASP CG  OD1  doub N N 50  
ASP CG  OD2  sing N N 51  
ASP OD2 HD2  sing N N 52  
ASP OXT HXT  sing N N 53  
CYS N   CA   sing N N 54  
CYS N   H    sing N N 55  
CYS N   H2   sing N N 56  
CYS CA  C    sing N N 57  
CYS CA  CB   sing N N 58  
CYS CA  HA   sing N N 59  
CYS C   O    doub N N 60  
CYS C   OXT  sing N N 61  
CYS CB  SG   sing N N 62  
CYS CB  HB2  sing N N 63  
CYS CB  HB3  sing N N 64  
CYS SG  HG   sing N N 65  
CYS OXT HXT  sing N N 66  
GLN N   CA   sing N N 67  
GLN N   H    sing N N 68  
GLN N   H2   sing N N 69  
GLN CA  C    sing N N 70  
GLN CA  CB   sing N N 71  
GLN CA  HA   sing N N 72  
GLN C   O    doub N N 73  
GLN C   OXT  sing N N 74  
GLN CB  CG   sing N N 75  
GLN CB  HB2  sing N N 76  
GLN CB  HB3  sing N N 77  
GLN CG  CD   sing N N 78  
GLN CG  HG2  sing N N 79  
GLN CG  HG3  sing N N 80  
GLN CD  OE1  doub N N 81  
GLN CD  NE2  sing N N 82  
GLN NE2 HE21 sing N N 83  
GLN NE2 HE22 sing N N 84  
GLN OXT HXT  sing N N 85  
GLU N   CA   sing N N 86  
GLU N   H    sing N N 87  
GLU N   H2   sing N N 88  
GLU CA  C    sing N N 89  
GLU CA  CB   sing N N 90  
GLU CA  HA   sing N N 91  
GLU C   O    doub N N 92  
GLU C   OXT  sing N N 93  
GLU CB  CG   sing N N 94  
GLU CB  HB2  sing N N 95  
GLU CB  HB3  sing N N 96  
GLU CG  CD   sing N N 97  
GLU CG  HG2  sing N N 98  
GLU CG  HG3  sing N N 99  
GLU CD  OE1  doub N N 100 
GLU CD  OE2  sing N N 101 
GLU OE2 HE2  sing N N 102 
GLU OXT HXT  sing N N 103 
GLY N   CA   sing N N 104 
GLY N   H    sing N N 105 
GLY N   H2   sing N N 106 
GLY CA  C    sing N N 107 
GLY CA  HA2  sing N N 108 
GLY CA  HA3  sing N N 109 
GLY C   O    doub N N 110 
GLY C   OXT  sing N N 111 
GLY OXT HXT  sing N N 112 
HIS N   CA   sing N N 113 
HIS N   H    sing N N 114 
HIS N   H2   sing N N 115 
HIS CA  C    sing N N 116 
HIS CA  CB   sing N N 117 
HIS CA  HA   sing N N 118 
HIS C   O    doub N N 119 
HIS C   OXT  sing N N 120 
HIS CB  CG   sing N N 121 
HIS CB  HB2  sing N N 122 
HIS CB  HB3  sing N N 123 
HIS CG  ND1  sing Y N 124 
HIS CG  CD2  doub Y N 125 
HIS ND1 CE1  doub Y N 126 
HIS ND1 HD1  sing N N 127 
HIS CD2 NE2  sing Y N 128 
HIS CD2 HD2  sing N N 129 
HIS CE1 NE2  sing Y N 130 
HIS CE1 HE1  sing N N 131 
HIS NE2 HE2  sing N N 132 
HIS OXT HXT  sing N N 133 
ILE N   CA   sing N N 134 
ILE N   H    sing N N 135 
ILE N   H2   sing N N 136 
ILE CA  C    sing N N 137 
ILE CA  CB   sing N N 138 
ILE CA  HA   sing N N 139 
ILE C   O    doub N N 140 
ILE C   OXT  sing N N 141 
ILE CB  CG1  sing N N 142 
ILE CB  CG2  sing N N 143 
ILE CB  HB   sing N N 144 
ILE CG1 CD1  sing N N 145 
ILE CG1 HG12 sing N N 146 
ILE CG1 HG13 sing N N 147 
ILE CG2 HG21 sing N N 148 
ILE CG2 HG22 sing N N 149 
ILE CG2 HG23 sing N N 150 
ILE CD1 HD11 sing N N 151 
ILE CD1 HD12 sing N N 152 
ILE CD1 HD13 sing N N 153 
ILE OXT HXT  sing N N 154 
LEU N   CA   sing N N 155 
LEU N   H    sing N N 156 
LEU N   H2   sing N N 157 
LEU CA  C    sing N N 158 
LEU CA  CB   sing N N 159 
LEU CA  HA   sing N N 160 
LEU C   O    doub N N 161 
LEU C   OXT  sing N N 162 
LEU CB  CG   sing N N 163 
LEU CB  HB2  sing N N 164 
LEU CB  HB3  sing N N 165 
LEU CG  CD1  sing N N 166 
LEU CG  CD2  sing N N 167 
LEU CG  HG   sing N N 168 
LEU CD1 HD11 sing N N 169 
LEU CD1 HD12 sing N N 170 
LEU CD1 HD13 sing N N 171 
LEU CD2 HD21 sing N N 172 
LEU CD2 HD22 sing N N 173 
LEU CD2 HD23 sing N N 174 
LEU OXT HXT  sing N N 175 
LYS N   CA   sing N N 176 
LYS N   H    sing N N 177 
LYS N   H2   sing N N 178 
LYS CA  C    sing N N 179 
LYS CA  CB   sing N N 180 
LYS CA  HA   sing N N 181 
LYS C   O    doub N N 182 
LYS C   OXT  sing N N 183 
LYS CB  CG   sing N N 184 
LYS CB  HB2  sing N N 185 
LYS CB  HB3  sing N N 186 
LYS CG  CD   sing N N 187 
LYS CG  HG2  sing N N 188 
LYS CG  HG3  sing N N 189 
LYS CD  CE   sing N N 190 
LYS CD  HD2  sing N N 191 
LYS CD  HD3  sing N N 192 
LYS CE  NZ   sing N N 193 
LYS CE  HE2  sing N N 194 
LYS CE  HE3  sing N N 195 
LYS NZ  HZ1  sing N N 196 
LYS NZ  HZ2  sing N N 197 
LYS NZ  HZ3  sing N N 198 
LYS OXT HXT  sing N N 199 
MET N   CA   sing N N 200 
MET N   H    sing N N 201 
MET N   H2   sing N N 202 
MET CA  C    sing N N 203 
MET CA  CB   sing N N 204 
MET CA  HA   sing N N 205 
MET C   O    doub N N 206 
MET C   OXT  sing N N 207 
MET CB  CG   sing N N 208 
MET CB  HB2  sing N N 209 
MET CB  HB3  sing N N 210 
MET CG  SD   sing N N 211 
MET CG  HG2  sing N N 212 
MET CG  HG3  sing N N 213 
MET SD  CE   sing N N 214 
MET CE  HE1  sing N N 215 
MET CE  HE2  sing N N 216 
MET CE  HE3  sing N N 217 
MET OXT HXT  sing N N 218 
PHE N   CA   sing N N 219 
PHE N   H    sing N N 220 
PHE N   H2   sing N N 221 
PHE CA  C    sing N N 222 
PHE CA  CB   sing N N 223 
PHE CA  HA   sing N N 224 
PHE C   O    doub N N 225 
PHE C   OXT  sing N N 226 
PHE CB  CG   sing N N 227 
PHE CB  HB2  sing N N 228 
PHE CB  HB3  sing N N 229 
PHE CG  CD1  doub Y N 230 
PHE CG  CD2  sing Y N 231 
PHE CD1 CE1  sing Y N 232 
PHE CD1 HD1  sing N N 233 
PHE CD2 CE2  doub Y N 234 
PHE CD2 HD2  sing N N 235 
PHE CE1 CZ   doub Y N 236 
PHE CE1 HE1  sing N N 237 
PHE CE2 CZ   sing Y N 238 
PHE CE2 HE2  sing N N 239 
PHE CZ  HZ   sing N N 240 
PHE OXT HXT  sing N N 241 
PRO N   CA   sing N N 242 
PRO N   CD   sing N N 243 
PRO N   H    sing N N 244 
PRO CA  C    sing N N 245 
PRO CA  CB   sing N N 246 
PRO CA  HA   sing N N 247 
PRO C   O    doub N N 248 
PRO C   OXT  sing N N 249 
PRO CB  CG   sing N N 250 
PRO CB  HB2  sing N N 251 
PRO CB  HB3  sing N N 252 
PRO CG  CD   sing N N 253 
PRO CG  HG2  sing N N 254 
PRO CG  HG3  sing N N 255 
PRO CD  HD2  sing N N 256 
PRO CD  HD3  sing N N 257 
PRO OXT HXT  sing N N 258 
SER N   CA   sing N N 259 
SER N   H    sing N N 260 
SER N   H2   sing N N 261 
SER CA  C    sing N N 262 
SER CA  CB   sing N N 263 
SER CA  HA   sing N N 264 
SER C   O    doub N N 265 
SER C   OXT  sing N N 266 
SER CB  OG   sing N N 267 
SER CB  HB2  sing N N 268 
SER CB  HB3  sing N N 269 
SER OG  HG   sing N N 270 
SER OXT HXT  sing N N 271 
THR N   CA   sing N N 272 
THR N   H    sing N N 273 
THR N   H2   sing N N 274 
THR CA  C    sing N N 275 
THR CA  CB   sing N N 276 
THR CA  HA   sing N N 277 
THR C   O    doub N N 278 
THR C   OXT  sing N N 279 
THR CB  OG1  sing N N 280 
THR CB  CG2  sing N N 281 
THR CB  HB   sing N N 282 
THR OG1 HG1  sing N N 283 
THR CG2 HG21 sing N N 284 
THR CG2 HG22 sing N N 285 
THR CG2 HG23 sing N N 286 
THR OXT HXT  sing N N 287 
TRP N   CA   sing N N 288 
TRP N   H    sing N N 289 
TRP N   H2   sing N N 290 
TRP CA  C    sing N N 291 
TRP CA  CB   sing N N 292 
TRP CA  HA   sing N N 293 
TRP C   O    doub N N 294 
TRP C   OXT  sing N N 295 
TRP CB  CG   sing N N 296 
TRP CB  HB2  sing N N 297 
TRP CB  HB3  sing N N 298 
TRP CG  CD1  doub Y N 299 
TRP CG  CD2  sing Y N 300 
TRP CD1 NE1  sing Y N 301 
TRP CD1 HD1  sing N N 302 
TRP CD2 CE2  doub Y N 303 
TRP CD2 CE3  sing Y N 304 
TRP NE1 CE2  sing Y N 305 
TRP NE1 HE1  sing N N 306 
TRP CE2 CZ2  sing Y N 307 
TRP CE3 CZ3  doub Y N 308 
TRP CE3 HE3  sing N N 309 
TRP CZ2 CH2  doub Y N 310 
TRP CZ2 HZ2  sing N N 311 
TRP CZ3 CH2  sing Y N 312 
TRP CZ3 HZ3  sing N N 313 
TRP CH2 HH2  sing N N 314 
TRP OXT HXT  sing N N 315 
# 
_atom_sites.entry_id                    1BOR 
_atom_sites.fract_transf_matrix[1][1]   1.000000 
_atom_sites.fract_transf_matrix[1][2]   0.000000 
_atom_sites.fract_transf_matrix[1][3]   0.000000 
_atom_sites.fract_transf_matrix[2][1]   0.000000 
_atom_sites.fract_transf_matrix[2][2]   1.000000 
_atom_sites.fract_transf_matrix[2][3]   0.000000 
_atom_sites.fract_transf_matrix[3][1]   0.000000 
_atom_sites.fract_transf_matrix[3][2]   0.000000 
_atom_sites.fract_transf_matrix[3][3]   1.000000 
_atom_sites.fract_transf_vector[1]      0.00000 
_atom_sites.fract_transf_vector[2]      0.00000 
_atom_sites.fract_transf_vector[3]      0.00000 
# 
loop_
_atom_type.symbol 
C  
N  
O  
S  
ZN 
# 
loop_
_atom_site.group_PDB 
_atom_site.id 
_atom_site.type_symbol 
_atom_site.label_atom_id 
_atom_site.label_alt_id 
_atom_site.label_comp_id 
_atom_site.label_asym_id 
_atom_site.label_entity_id 
_atom_site.label_seq_id 
_atom_site.pdbx_PDB_ins_code 
_atom_site.Cartn_x 
_atom_site.Cartn_y 
_atom_site.Cartn_z 
_atom_site.occupancy 
_atom_site.B_iso_or_equiv 
_atom_site.pdbx_formal_charge 
_atom_site.auth_seq_id 
_atom_site.auth_comp_id 
_atom_site.auth_asym_id 
_atom_site.auth_atom_id 
_atom_site.pdbx_PDB_model_num 
ATOM   1   N  N   . GLU A 1 1  ? -4.569  -13.321 -2.709  1.00 0.00 ? 1  GLU A N   1 
ATOM   2   C  CA  . GLU A 1 1  ? -5.312  -13.615 -3.968  1.00 0.00 ? 1  GLU A CA  1 
ATOM   3   C  C   . GLU A 1 1  ? -6.111  -12.381 -4.390  1.00 0.00 ? 1  GLU A C   1 
ATOM   4   O  O   . GLU A 1 1  ? -6.205  -12.060 -5.558  1.00 0.00 ? 1  GLU A O   1 
ATOM   5   C  CB  . GLU A 1 1  ? -6.269  -14.786 -3.733  1.00 0.00 ? 1  GLU A CB  1 
ATOM   6   C  CG  . GLU A 1 1  ? -6.601  -15.451 -5.071  1.00 0.00 ? 1  GLU A CG  1 
ATOM   7   C  CD  . GLU A 1 1  ? -5.792  -16.741 -5.216  1.00 0.00 ? 1  GLU A CD  1 
ATOM   8   O  OE1 . GLU A 1 1  ? -4.924  -16.969 -4.389  1.00 0.00 ? 1  GLU A OE1 1 
ATOM   9   O  OE2 . GLU A 1 1  ? -6.055  -17.480 -6.151  1.00 0.00 ? 1  GLU A OE2 1 
ATOM   10  N  N   . GLU A 1 2  ? -6.685  -11.685 -3.448  1.00 0.00 ? 2  GLU A N   1 
ATOM   11  C  CA  . GLU A 1 2  ? -7.476  -10.472 -3.796  1.00 0.00 ? 2  GLU A CA  1 
ATOM   12  C  C   . GLU A 1 2  ? -6.935  -9.270  -3.020  1.00 0.00 ? 2  GLU A C   1 
ATOM   13  O  O   . GLU A 1 2  ? -6.387  -9.410  -1.944  1.00 0.00 ? 2  GLU A O   1 
ATOM   14  C  CB  . GLU A 1 2  ? -8.944  -10.696 -3.431  1.00 0.00 ? 2  GLU A CB  1 
ATOM   15  C  CG  . GLU A 1 2  ? -9.495  -11.873 -4.238  1.00 0.00 ? 2  GLU A CG  1 
ATOM   16  C  CD  . GLU A 1 2  ? -10.258 -11.345 -5.453  1.00 0.00 ? 2  GLU A CD  1 
ATOM   17  O  OE1 . GLU A 1 2  ? -10.123 -10.169 -5.748  1.00 0.00 ? 2  GLU A OE1 1 
ATOM   18  O  OE2 . GLU A 1 2  ? -10.966 -12.126 -6.068  1.00 0.00 ? 2  GLU A OE2 1 
ATOM   19  N  N   . GLU A 1 3  ? -7.083  -8.091  -3.557  1.00 0.00 ? 3  GLU A N   1 
ATOM   20  C  CA  . GLU A 1 3  ? -6.577  -6.884  -2.849  1.00 0.00 ? 3  GLU A CA  1 
ATOM   21  C  C   . GLU A 1 3  ? -5.067  -7.015  -2.637  1.00 0.00 ? 3  GLU A C   1 
ATOM   22  O  O   . GLU A 1 3  ? -4.283  -6.684  -3.504  1.00 0.00 ? 3  GLU A O   1 
ATOM   23  C  CB  . GLU A 1 3  ? -7.280  -6.756  -1.496  1.00 0.00 ? 3  GLU A CB  1 
ATOM   24  C  CG  . GLU A 1 3  ? -8.751  -6.399  -1.718  1.00 0.00 ? 3  GLU A CG  1 
ATOM   25  C  CD  . GLU A 1 3  ? -9.545  -7.674  -2.006  1.00 0.00 ? 3  GLU A CD  1 
ATOM   26  O  OE1 . GLU A 1 3  ? -9.139  -8.721  -1.532  1.00 0.00 ? 3  GLU A OE1 1 
ATOM   27  O  OE2 . GLU A 1 3  ? -10.546 -7.581  -2.699  1.00 0.00 ? 3  GLU A OE2 1 
ATOM   28  N  N   . PHE A 1 4  ? -4.651  -7.495  -1.493  1.00 0.00 ? 4  PHE A N   1 
ATOM   29  C  CA  . PHE A 1 4  ? -3.190  -7.644  -1.235  1.00 0.00 ? 4  PHE A CA  1 
ATOM   30  C  C   . PHE A 1 4  ? -2.509  -8.207  -2.482  1.00 0.00 ? 4  PHE A C   1 
ATOM   31  O  O   . PHE A 1 4  ? -2.769  -9.320  -2.892  1.00 0.00 ? 4  PHE A O   1 
ATOM   32  C  CB  . PHE A 1 4  ? -2.971  -8.604  -0.061  1.00 0.00 ? 4  PHE A CB  1 
ATOM   33  C  CG  . PHE A 1 4  ? -1.514  -9.005  -0.004  1.00 0.00 ? 4  PHE A CG  1 
ATOM   34  C  CD1 . PHE A 1 4  ? -0.515  -8.037  -0.166  1.00 0.00 ? 4  PHE A CD1 1 
ATOM   35  C  CD2 . PHE A 1 4  ? -1.165  -10.345 0.203   1.00 0.00 ? 4  PHE A CD2 1 
ATOM   36  C  CE1 . PHE A 1 4  ? 0.834   -8.410  -0.120  1.00 0.00 ? 4  PHE A CE1 1 
ATOM   37  C  CE2 . PHE A 1 4  ? 0.184   -10.716 0.249   1.00 0.00 ? 4  PHE A CE2 1 
ATOM   38  C  CZ  . PHE A 1 4  ? 1.183   -9.749  0.088   1.00 0.00 ? 4  PHE A CZ  1 
ATOM   39  N  N   . GLN A 1 5  ? -1.641  -7.449  -3.092  1.00 0.00 ? 5  GLN A N   1 
ATOM   40  C  CA  . GLN A 1 5  ? -0.955  -7.953  -4.311  1.00 0.00 ? 5  GLN A CA  1 
ATOM   41  C  C   . GLN A 1 5  ? 0.364   -7.207  -4.529  1.00 0.00 ? 5  GLN A C   1 
ATOM   42  O  O   . GLN A 1 5  ? 0.940   -7.263  -5.597  1.00 0.00 ? 5  GLN A O   1 
ATOM   43  C  CB  . GLN A 1 5  ? -1.860  -7.745  -5.527  1.00 0.00 ? 5  GLN A CB  1 
ATOM   44  C  CG  . GLN A 1 5  ? -1.355  -8.601  -6.690  1.00 0.00 ? 5  GLN A CG  1 
ATOM   45  C  CD  . GLN A 1 5  ? -1.933  -8.071  -8.004  1.00 0.00 ? 5  GLN A CD  1 
ATOM   46  O  OE1 . GLN A 1 5  ? -2.256  -6.904  -8.114  1.00 0.00 ? 5  GLN A OE1 1 
ATOM   47  N  NE2 . GLN A 1 5  ? -2.078  -8.885  -9.014  1.00 0.00 ? 5  GLN A NE2 1 
ATOM   48  N  N   . PHE A 1 6  ? 0.865   -6.518  -3.536  1.00 0.00 ? 6  PHE A N   1 
ATOM   49  C  CA  . PHE A 1 6  ? 2.154   -5.802  -3.737  1.00 0.00 ? 6  PHE A CA  1 
ATOM   50  C  C   . PHE A 1 6  ? 2.919   -5.677  -2.425  1.00 0.00 ? 6  PHE A C   1 
ATOM   51  O  O   . PHE A 1 6  ? 2.414   -5.967  -1.358  1.00 0.00 ? 6  PHE A O   1 
ATOM   52  C  CB  . PHE A 1 6  ? 1.918   -4.409  -4.311  1.00 0.00 ? 6  PHE A CB  1 
ATOM   53  C  CG  . PHE A 1 6  ? 2.950   -4.161  -5.386  1.00 0.00 ? 6  PHE A CG  1 
ATOM   54  C  CD1 . PHE A 1 6  ? 3.147   -5.127  -6.380  1.00 0.00 ? 6  PHE A CD1 1 
ATOM   55  C  CD2 . PHE A 1 6  ? 3.708   -2.985  -5.394  1.00 0.00 ? 6  PHE A CD2 1 
ATOM   56  C  CE1 . PHE A 1 6  ? 4.101   -4.921  -7.381  1.00 0.00 ? 6  PHE A CE1 1 
ATOM   57  C  CE2 . PHE A 1 6  ? 4.665   -2.779  -6.399  1.00 0.00 ? 6  PHE A CE2 1 
ATOM   58  C  CZ  . PHE A 1 6  ? 4.860   -3.747  -7.391  1.00 0.00 ? 6  PHE A CZ  1 
ATOM   59  N  N   . LEU A 1 7  ? 4.147   -5.242  -2.507  1.00 0.00 ? 7  LEU A N   1 
ATOM   60  C  CA  . LEU A 1 7  ? 4.977   -5.087  -1.283  1.00 0.00 ? 7  LEU A CA  1 
ATOM   61  C  C   . LEU A 1 7  ? 6.140   -4.144  -1.597  1.00 0.00 ? 7  LEU A C   1 
ATOM   62  O  O   . LEU A 1 7  ? 7.171   -4.178  -0.952  1.00 0.00 ? 7  LEU A O   1 
ATOM   63  C  CB  . LEU A 1 7  ? 5.533   -6.452  -0.882  1.00 0.00 ? 7  LEU A CB  1 
ATOM   64  C  CG  . LEU A 1 7  ? 6.074   -7.155  -2.128  1.00 0.00 ? 7  LEU A CG  1 
ATOM   65  C  CD1 . LEU A 1 7  ? 7.315   -7.969  -1.762  1.00 0.00 ? 7  LEU A CD1 1 
ATOM   66  C  CD2 . LEU A 1 7  ? 4.999   -8.084  -2.694  1.00 0.00 ? 7  LEU A CD2 1 
ATOM   67  N  N   . ARG A 1 8  ? 5.989   -3.311  -2.591  1.00 0.00 ? 8  ARG A N   1 
ATOM   68  C  CA  . ARG A 1 8  ? 7.089   -2.378  -2.955  1.00 0.00 ? 8  ARG A CA  1 
ATOM   69  C  C   . ARG A 1 8  ? 6.558   -0.947  -3.005  1.00 0.00 ? 8  ARG A C   1 
ATOM   70  O  O   . ARG A 1 8  ? 6.796   -0.156  -2.115  1.00 0.00 ? 8  ARG A O   1 
ATOM   71  C  CB  . ARG A 1 8  ? 7.656   -2.770  -4.323  1.00 0.00 ? 8  ARG A CB  1 
ATOM   72  C  CG  . ARG A 1 8  ? 7.974   -4.267  -4.331  1.00 0.00 ? 8  ARG A CG  1 
ATOM   73  C  CD  . ARG A 1 8  ? 8.991   -4.570  -5.432  1.00 0.00 ? 8  ARG A CD  1 
ATOM   74  N  NE  . ARG A 1 8  ? 8.548   -5.767  -6.202  1.00 0.00 ? 8  ARG A NE  1 
ATOM   75  C  CZ  . ARG A 1 8  ? 9.259   -6.860  -6.174  1.00 0.00 ? 8  ARG A CZ  1 
ATOM   76  N  NH1 . ARG A 1 8  ? 9.889   -7.202  -5.085  1.00 0.00 ? 8  ARG A NH1 1 
ATOM   77  N  NH2 . ARG A 1 8  ? 9.338   -7.613  -7.238  1.00 0.00 ? 8  ARG A NH2 1 
ATOM   78  N  N   . CYS A 1 9  ? 5.836   -0.606  -4.037  1.00 0.00 ? 9  CYS A N   1 
ATOM   79  C  CA  . CYS A 1 9  ? 5.292   0.775   -4.134  1.00 0.00 ? 9  CYS A CA  1 
ATOM   80  C  C   . CYS A 1 9  ? 4.449   0.908   -5.405  1.00 0.00 ? 9  CYS A C   1 
ATOM   81  O  O   . CYS A 1 9  ? 4.521   0.095   -6.307  1.00 0.00 ? 9  CYS A O   1 
ATOM   82  C  CB  . CYS A 1 9  ? 6.462   1.788   -4.131  1.00 0.00 ? 9  CYS A CB  1 
ATOM   83  S  SG  . CYS A 1 9  ? 6.165   3.136   -5.320  1.00 0.00 ? 9  CYS A SG  1 
ATOM   84  N  N   . GLN A 1 10 ? 3.668   1.950   -5.484  1.00 0.00 ? 10 GLN A N   1 
ATOM   85  C  CA  . GLN A 1 10 ? 2.837   2.174   -6.689  1.00 0.00 ? 10 GLN A CA  1 
ATOM   86  C  C   . GLN A 1 10 ? 3.753   2.373   -7.903  1.00 0.00 ? 10 GLN A C   1 
ATOM   87  O  O   . GLN A 1 10 ? 3.758   1.586   -8.829  1.00 0.00 ? 10 GLN A O   1 
ATOM   88  C  CB  . GLN A 1 10 ? 1.994   3.430   -6.497  1.00 0.00 ? 10 GLN A CB  1 
ATOM   89  C  CG  . GLN A 1 10 ? 1.120   3.650   -7.733  1.00 0.00 ? 10 GLN A CG  1 
ATOM   90  C  CD  . GLN A 1 10 ? 1.103   5.138   -8.087  1.00 0.00 ? 10 GLN A CD  1 
ATOM   91  O  OE1 . GLN A 1 10 ? 2.141   5.765   -8.175  1.00 0.00 ? 10 GLN A OE1 1 
ATOM   92  N  NE2 . GLN A 1 10 ? -0.038  5.735   -8.294  1.00 0.00 ? 10 GLN A NE2 1 
ATOM   93  N  N   . GLN A 1 11 ? 4.524   3.434   -7.901  1.00 0.00 ? 11 GLN A N   1 
ATOM   94  C  CA  . GLN A 1 11 ? 5.441   3.706   -9.051  1.00 0.00 ? 11 GLN A CA  1 
ATOM   95  C  C   . GLN A 1 11 ? 6.899   3.468   -8.633  1.00 0.00 ? 11 GLN A C   1 
ATOM   96  O  O   . GLN A 1 11 ? 7.601   2.679   -9.235  1.00 0.00 ? 11 GLN A O   1 
ATOM   97  C  CB  . GLN A 1 11 ? 5.272   5.158   -9.503  1.00 0.00 ? 11 GLN A CB  1 
ATOM   98  C  CG  . GLN A 1 11 ? 4.747   5.191   -10.939 1.00 0.00 ? 11 GLN A CG  1 
ATOM   99  C  CD  . GLN A 1 11 ? 5.906   4.964   -11.913 1.00 0.00 ? 11 GLN A CD  1 
ATOM   100 O  OE1 . GLN A 1 11 ? 6.430   5.902   -12.481 1.00 0.00 ? 11 GLN A OE1 1 
ATOM   101 N  NE2 . GLN A 1 11 ? 6.330   3.749   -12.132 1.00 0.00 ? 11 GLN A NE2 1 
ATOM   102 N  N   . CYS A 1 12 ? 7.360   4.133   -7.604  1.00 0.00 ? 12 CYS A N   1 
ATOM   103 C  CA  . CYS A 1 12 ? 8.778   3.917   -7.158  1.00 0.00 ? 12 CYS A CA  1 
ATOM   104 C  C   . CYS A 1 12 ? 8.868   2.609   -6.357  1.00 0.00 ? 12 CYS A C   1 
ATOM   105 O  O   . CYS A 1 12 ? 8.937   2.621   -5.145  1.00 0.00 ? 12 CYS A O   1 
ATOM   106 C  CB  . CYS A 1 12 ? 9.310   5.075   -6.268  1.00 0.00 ? 12 CYS A CB  1 
ATOM   107 S  SG  . CYS A 1 12 ? 8.020   6.273   -5.792  1.00 0.00 ? 12 CYS A SG  1 
ATOM   108 N  N   . GLN A 1 13 ? 8.861   1.478   -7.021  1.00 0.00 ? 13 GLN A N   1 
ATOM   109 C  CA  . GLN A 1 13 ? 8.940   0.178   -6.284  1.00 0.00 ? 13 GLN A CA  1 
ATOM   110 C  C   . GLN A 1 13 ? 10.398  -0.161  -5.965  1.00 0.00 ? 13 GLN A C   1 
ATOM   111 O  O   . GLN A 1 13 ? 11.147  -0.609  -6.811  1.00 0.00 ? 13 GLN A O   1 
ATOM   112 C  CB  . GLN A 1 13 ? 8.320   -0.945  -7.124  1.00 0.00 ? 13 GLN A CB  1 
ATOM   113 C  CG  . GLN A 1 13 ? 8.966   -0.975  -8.511  1.00 0.00 ? 13 GLN A CG  1 
ATOM   114 C  CD  . GLN A 1 13 ? 7.873   -1.050  -9.580  1.00 0.00 ? 13 GLN A CD  1 
ATOM   115 O  OE1 . GLN A 1 13 ? 6.807   -0.492  -9.415  1.00 0.00 ? 13 GLN A OE1 1 
ATOM   116 N  NE2 . GLN A 1 13 ? 8.095   -1.721  -10.677 1.00 0.00 ? 13 GLN A NE2 1 
ATOM   117 N  N   . ALA A 1 14 ? 10.796  0.041   -4.737  1.00 0.00 ? 14 ALA A N   1 
ATOM   118 C  CA  . ALA A 1 14 ? 12.195  -0.274  -4.332  1.00 0.00 ? 14 ALA A CA  1 
ATOM   119 C  C   . ALA A 1 14 ? 12.159  -1.200  -3.114  1.00 0.00 ? 14 ALA A C   1 
ATOM   120 O  O   . ALA A 1 14 ? 12.586  -2.336  -3.170  1.00 0.00 ? 14 ALA A O   1 
ATOM   121 C  CB  . ALA A 1 14 ? 12.926  1.018   -3.964  1.00 0.00 ? 14 ALA A CB  1 
ATOM   122 N  N   . GLU A 1 15 ? 11.638  -0.724  -2.014  1.00 0.00 ? 15 GLU A N   1 
ATOM   123 C  CA  . GLU A 1 15 ? 11.555  -1.574  -0.793  1.00 0.00 ? 15 GLU A CA  1 
ATOM   124 C  C   . GLU A 1 15 ? 10.339  -1.149  0.033   1.00 0.00 ? 15 GLU A C   1 
ATOM   125 O  O   . GLU A 1 15 ? 10.448  -0.345  0.936   1.00 0.00 ? 15 GLU A O   1 
ATOM   126 C  CB  . GLU A 1 15 ? 12.825  -1.399  0.043   1.00 0.00 ? 15 GLU A CB  1 
ATOM   127 C  CG  . GLU A 1 15 ? 13.061  -2.658  0.880   1.00 0.00 ? 15 GLU A CG  1 
ATOM   128 C  CD  . GLU A 1 15 ? 14.218  -2.418  1.852   1.00 0.00 ? 15 GLU A CD  1 
ATOM   129 O  OE1 . GLU A 1 15 ? 15.329  -2.225  1.385   1.00 0.00 ? 15 GLU A OE1 1 
ATOM   130 O  OE2 . GLU A 1 15 ? 13.974  -2.433  3.047   1.00 0.00 ? 15 GLU A OE2 1 
ATOM   131 N  N   . ALA A 1 16 ? 9.190   -1.703  -0.284  1.00 0.00 ? 16 ALA A N   1 
ATOM   132 C  CA  . ALA A 1 16 ? 7.915   -1.381  0.447   1.00 0.00 ? 16 ALA A CA  1 
ATOM   133 C  C   . ALA A 1 16 ? 8.016   -0.029  1.172   1.00 0.00 ? 16 ALA A C   1 
ATOM   134 O  O   . ALA A 1 16 ? 8.576   0.064   2.246   1.00 0.00 ? 16 ALA A O   1 
ATOM   135 C  CB  . ALA A 1 16 ? 7.639   -2.478  1.477   1.00 0.00 ? 16 ALA A CB  1 
ATOM   136 N  N   . LYS A 1 17 ? 7.480   1.018   0.602   1.00 0.00 ? 17 LYS A N   1 
ATOM   137 C  CA  . LYS A 1 17 ? 7.556   2.351   1.274   1.00 0.00 ? 17 LYS A CA  1 
ATOM   138 C  C   . LYS A 1 17 ? 6.250   2.633   2.018   1.00 0.00 ? 17 LYS A C   1 
ATOM   139 O  O   . LYS A 1 17 ? 6.129   3.613   2.725   1.00 0.00 ? 17 LYS A O   1 
ATOM   140 C  CB  . LYS A 1 17 ? 7.793   3.441   0.226   1.00 0.00 ? 17 LYS A CB  1 
ATOM   141 C  CG  . LYS A 1 17 ? 8.951   4.334   0.674   1.00 0.00 ? 17 LYS A CG  1 
ATOM   142 C  CD  . LYS A 1 17 ? 9.874   4.610   -0.514  1.00 0.00 ? 17 LYS A CD  1 
ATOM   143 C  CE  . LYS A 1 17 ? 11.228  5.110   -0.005  1.00 0.00 ? 17 LYS A CE  1 
ATOM   144 N  NZ  . LYS A 1 17 ? 11.410  6.538   -0.390  1.00 0.00 ? 17 LYS A NZ  1 
ATOM   145 N  N   . CYS A 1 18 ? 5.272   1.787   1.865   1.00 0.00 ? 18 CYS A N   1 
ATOM   146 C  CA  . CYS A 1 18 ? 3.977   2.016   2.565   1.00 0.00 ? 18 CYS A CA  1 
ATOM   147 C  C   . CYS A 1 18 ? 3.732   0.885   3.577   1.00 0.00 ? 18 CYS A C   1 
ATOM   148 O  O   . CYS A 1 18 ? 3.482   -0.238  3.191   1.00 0.00 ? 18 CYS A O   1 
ATOM   149 C  CB  . CYS A 1 18 ? 2.852   2.032   1.525   1.00 0.00 ? 18 CYS A CB  1 
ATOM   150 S  SG  . CYS A 1 18 ? 1.247   1.760   2.322   1.00 0.00 ? 18 CYS A SG  1 
ATOM   151 N  N   . PRO A 1 19 ? 3.793   1.216   4.840   1.00 0.00 ? 19 PRO A N   1 
ATOM   152 C  CA  . PRO A 1 19 ? 3.556   0.249   5.920   1.00 0.00 ? 19 PRO A CA  1 
ATOM   153 C  C   . PRO A 1 19 ? 2.048   0.104   6.155   1.00 0.00 ? 19 PRO A C   1 
ATOM   154 O  O   . PRO A 1 19 ? 1.609   -0.668  6.983   1.00 0.00 ? 19 PRO A O   1 
ATOM   155 C  CB  . PRO A 1 19 ? 4.226   0.899   7.134   1.00 0.00 ? 19 PRO A CB  1 
ATOM   156 C  CG  . PRO A 1 19 ? 4.287   2.416   6.835   1.00 0.00 ? 19 PRO A CG  1 
ATOM   157 C  CD  . PRO A 1 19 ? 4.112   2.575   5.313   1.00 0.00 ? 19 PRO A CD  1 
ATOM   158 N  N   . LYS A 1 20 ? 1.255   0.859   5.441   1.00 0.00 ? 20 LYS A N   1 
ATOM   159 C  CA  . LYS A 1 20 ? -0.220  0.788   5.629   1.00 0.00 ? 20 LYS A CA  1 
ATOM   160 C  C   . LYS A 1 20 ? -0.689  -0.668  5.646   1.00 0.00 ? 20 LYS A C   1 
ATOM   161 O  O   . LYS A 1 20 ? -0.059  -1.550  5.094   1.00 0.00 ? 20 LYS A O   1 
ATOM   162 C  CB  . LYS A 1 20 ? -0.929  1.538   4.500   1.00 0.00 ? 20 LYS A CB  1 
ATOM   163 C  CG  . LYS A 1 20 ? -2.421  1.597   4.816   1.00 0.00 ? 20 LYS A CG  1 
ATOM   164 C  CD  . LYS A 1 20 ? -3.183  2.253   3.662   1.00 0.00 ? 20 LYS A CD  1 
ATOM   165 C  CE  . LYS A 1 20 ? -4.540  1.568   3.499   1.00 0.00 ? 20 LYS A CE  1 
ATOM   166 N  NZ  . LYS A 1 20 ? -5.461  2.460   2.742   1.00 0.00 ? 20 LYS A NZ  1 
ATOM   167 N  N   . LEU A 1 21 ? -1.794  -0.916  6.296   1.00 0.00 ? 21 LEU A N   1 
ATOM   168 C  CA  . LEU A 1 21 ? -2.339  -2.304  6.389   1.00 0.00 ? 21 LEU A CA  1 
ATOM   169 C  C   . LEU A 1 21 ? -2.150  -3.056  5.068   1.00 0.00 ? 21 LEU A C   1 
ATOM   170 O  O   . LEU A 1 21 ? -1.918  -2.463  4.032   1.00 0.00 ? 21 LEU A O   1 
ATOM   171 C  CB  . LEU A 1 21 ? -3.831  -2.252  6.759   1.00 0.00 ? 21 LEU A CB  1 
ATOM   172 C  CG  . LEU A 1 21 ? -4.519  -1.064  6.077   1.00 0.00 ? 21 LEU A CG  1 
ATOM   173 C  CD1 . LEU A 1 21 ? -4.806  -1.398  4.613   1.00 0.00 ? 21 LEU A CD1 1 
ATOM   174 C  CD2 . LEU A 1 21 ? -5.835  -0.763  6.794   1.00 0.00 ? 21 LEU A CD2 1 
ATOM   175 N  N   . LEU A 1 22 ? -2.207  -4.370  5.103   1.00 0.00 ? 22 LEU A N   1 
ATOM   176 C  CA  . LEU A 1 22 ? -1.985  -5.153  3.851   1.00 0.00 ? 22 LEU A CA  1 
ATOM   177 C  C   . LEU A 1 22 ? -3.239  -5.893  3.300   1.00 0.00 ? 22 LEU A C   1 
ATOM   178 O  O   . LEU A 1 22 ? -3.095  -6.650  2.362   1.00 0.00 ? 22 LEU A O   1 
ATOM   179 C  CB  . LEU A 1 22 ? -0.896  -6.199  4.111   1.00 0.00 ? 22 LEU A CB  1 
ATOM   180 C  CG  . LEU A 1 22 ? 0.311   -5.923  3.213   1.00 0.00 ? 22 LEU A CG  1 
ATOM   181 C  CD1 . LEU A 1 22 ? 1.266   -7.118  3.252   1.00 0.00 ? 22 LEU A CD1 1 
ATOM   182 C  CD2 . LEU A 1 22 ? -0.160  -5.700  1.774   1.00 0.00 ? 22 LEU A CD2 1 
ATOM   183 N  N   . PRO A 1 23 ? -4.424  -5.688  3.845   1.00 0.00 ? 23 PRO A N   1 
ATOM   184 C  CA  . PRO A 1 23 ? -5.629  -6.375  3.334   1.00 0.00 ? 23 PRO A CA  1 
ATOM   185 C  C   . PRO A 1 23 ? -6.102  -5.715  2.036   1.00 0.00 ? 23 PRO A C   1 
ATOM   186 O  O   . PRO A 1 23 ? -6.675  -6.350  1.173   1.00 0.00 ? 23 PRO A O   1 
ATOM   187 C  CB  . PRO A 1 23 ? -6.662  -6.178  4.443   1.00 0.00 ? 23 PRO A CB  1 
ATOM   188 C  CG  . PRO A 1 23 ? -6.203  -4.941  5.242   1.00 0.00 ? 23 PRO A CG  1 
ATOM   189 C  CD  . PRO A 1 23 ? -4.693  -4.791  4.978   1.00 0.00 ? 23 PRO A CD  1 
ATOM   190 N  N   . CYS A 1 24 ? -5.865  -4.441  1.898   1.00 0.00 ? 24 CYS A N   1 
ATOM   191 C  CA  . CYS A 1 24 ? -6.298  -3.726  0.666   1.00 0.00 ? 24 CYS A CA  1 
ATOM   192 C  C   . CYS A 1 24 ? -5.062  -3.260  -0.110  1.00 0.00 ? 24 CYS A C   1 
ATOM   193 O  O   . CYS A 1 24 ? -4.840  -2.087  -0.296  1.00 0.00 ? 24 CYS A O   1 
ATOM   194 C  CB  . CYS A 1 24 ? -7.191  -2.545  1.061   1.00 0.00 ? 24 CYS A CB  1 
ATOM   195 S  SG  . CYS A 1 24 ? -6.208  -1.236  1.825   1.00 0.00 ? 24 CYS A SG  1 
ATOM   196 N  N   . LEU A 1 25 ? -4.261  -4.196  -0.568  1.00 0.00 ? 25 LEU A N   1 
ATOM   197 C  CA  . LEU A 1 25 ? -3.028  -3.850  -1.348  1.00 0.00 ? 25 LEU A CA  1 
ATOM   198 C  C   . LEU A 1 25 ? -2.520  -2.467  -0.950  1.00 0.00 ? 25 LEU A C   1 
ATOM   199 O  O   . LEU A 1 25 ? -2.389  -1.585  -1.772  1.00 0.00 ? 25 LEU A O   1 
ATOM   200 C  CB  . LEU A 1 25 ? -3.352  -3.851  -2.845  1.00 0.00 ? 25 LEU A CB  1 
ATOM   201 C  CG  . LEU A 1 25 ? -2.069  -4.025  -3.672  1.00 0.00 ? 25 LEU A CG  1 
ATOM   202 C  CD1 . LEU A 1 25 ? -2.437  -4.501  -5.076  1.00 0.00 ? 25 LEU A CD1 1 
ATOM   203 C  CD2 . LEU A 1 25 ? -1.341  -2.684  -3.781  1.00 0.00 ? 25 LEU A CD2 1 
ATOM   204 N  N   . HIS A 1 26 ? -2.235  -2.249  0.300   1.00 0.00 ? 26 HIS A N   1 
ATOM   205 C  CA  . HIS A 1 26 ? -1.738  -0.906  0.683   1.00 0.00 ? 26 HIS A CA  1 
ATOM   206 C  C   . HIS A 1 26 ? -0.365  -1.013  1.321   1.00 0.00 ? 26 HIS A C   1 
ATOM   207 O  O   . HIS A 1 26 ? -0.126  -0.586  2.430   1.00 0.00 ? 26 HIS A O   1 
ATOM   208 C  CB  . HIS A 1 26 ? -2.723  -0.164  1.591   1.00 0.00 ? 26 HIS A CB  1 
ATOM   209 C  CG  . HIS A 1 26 ? -3.172  1.047   0.813   1.00 0.00 ? 26 HIS A CG  1 
ATOM   210 N  ND1 . HIS A 1 26 ? -4.396  1.107   0.207   1.00 0.00 ? 26 HIS A ND1 1 
ATOM   211 C  CD2 . HIS A 1 26 ? -2.508  2.155   0.375   1.00 0.00 ? 26 HIS A CD2 1 
ATOM   212 C  CE1 . HIS A 1 26 ? -4.419  2.182   -0.581  1.00 0.00 ? 26 HIS A CE1 1 
ATOM   213 N  NE2 . HIS A 1 26 ? -3.297  2.861   -0.507  1.00 0.00 ? 26 HIS A NE2 1 
ATOM   214 N  N   . THR A 1 27 ? 0.547   -1.543  0.569   1.00 0.00 ? 27 THR A N   1 
ATOM   215 C  CA  . THR A 1 27 ? 1.950   -1.654  1.014   1.00 0.00 ? 27 THR A CA  1 
ATOM   216 C  C   . THR A 1 27 ? 2.763   -1.033  -0.108  1.00 0.00 ? 27 THR A C   1 
ATOM   217 O  O   . THR A 1 27 ? 3.853   -1.459  -0.435  1.00 0.00 ? 27 THR A O   1 
ATOM   218 C  CB  . THR A 1 27 ? 2.340   -3.120  1.201   1.00 0.00 ? 27 THR A CB  1 
ATOM   219 O  OG1 . THR A 1 27 ? 1.429   -3.733  2.099   1.00 0.00 ? 27 THR A OG1 1 
ATOM   220 C  CG2 . THR A 1 27 ? 3.755   -3.207  1.773   1.00 0.00 ? 27 THR A CG2 1 
ATOM   221 N  N   . LEU A 1 28 ? 2.189   -0.033  -0.721  1.00 0.00 ? 28 LEU A N   1 
ATOM   222 C  CA  . LEU A 1 28 ? 2.850   0.641   -1.858  1.00 0.00 ? 28 LEU A CA  1 
ATOM   223 C  C   . LEU A 1 28 ? 3.873   1.650   -1.338  1.00 0.00 ? 28 LEU A C   1 
ATOM   224 O  O   . LEU A 1 28 ? 4.914   1.268   -0.841  1.00 0.00 ? 28 LEU A O   1 
ATOM   225 C  CB  . LEU A 1 28 ? 1.776   1.334   -2.717  1.00 0.00 ? 28 LEU A CB  1 
ATOM   226 C  CG  . LEU A 1 28 ? 0.930   0.271   -3.435  1.00 0.00 ? 28 LEU A CG  1 
ATOM   227 C  CD1 . LEU A 1 28 ? 1.834   -0.812  -4.024  1.00 0.00 ? 28 LEU A CD1 1 
ATOM   228 C  CD2 . LEU A 1 28 ? -0.031  -0.366  -2.434  1.00 0.00 ? 28 LEU A CD2 1 
ATOM   229 N  N   . CYS A 1 29 ? 3.636   2.923   -1.468  1.00 0.00 ? 29 CYS A N   1 
ATOM   230 C  CA  . CYS A 1 29 ? 4.666   3.879   -0.993  1.00 0.00 ? 29 CYS A CA  1 
ATOM   231 C  C   . CYS A 1 29 ? 4.020   5.205   -0.591  1.00 0.00 ? 29 CYS A C   1 
ATOM   232 O  O   . CYS A 1 29 ? 3.634   6.013   -1.412  1.00 0.00 ? 29 CYS A O   1 
ATOM   233 C  CB  . CYS A 1 29 ? 5.711   4.018   -2.117  1.00 0.00 ? 29 CYS A CB  1 
ATOM   234 S  SG  . CYS A 1 29 ? 6.063   5.726   -2.595  1.00 0.00 ? 29 CYS A SG  1 
ATOM   235 N  N   . SER A 1 30 ? 3.904   5.413   0.689   1.00 0.00 ? 30 SER A N   1 
ATOM   236 C  CA  . SER A 1 30 ? 3.291   6.662   1.208   1.00 0.00 ? 30 SER A CA  1 
ATOM   237 C  C   . SER A 1 30 ? 3.969   7.872   0.566   1.00 0.00 ? 30 SER A C   1 
ATOM   238 O  O   . SER A 1 30 ? 4.937   8.395   1.080   1.00 0.00 ? 30 SER A O   1 
ATOM   239 C  CB  . SER A 1 30 ? 3.491   6.714   2.722   1.00 0.00 ? 30 SER A CB  1 
ATOM   240 O  OG  . SER A 1 30 ? 2.557   7.623   3.291   1.00 0.00 ? 30 SER A OG  1 
ATOM   241 N  N   . GLY A 1 31 ? 3.470   8.323   -0.552  1.00 0.00 ? 31 GLY A N   1 
ATOM   242 C  CA  . GLY A 1 31 ? 4.094   9.501   -1.214  1.00 0.00 ? 31 GLY A CA  1 
ATOM   243 C  C   . GLY A 1 31 ? 3.660   9.569   -2.679  1.00 0.00 ? 31 GLY A C   1 
ATOM   244 O  O   . GLY A 1 31 ? 3.608   10.631  -3.269  1.00 0.00 ? 31 GLY A O   1 
ATOM   245 N  N   . CYS A 1 32 ? 3.354   8.451   -3.281  1.00 0.00 ? 32 CYS A N   1 
ATOM   246 C  CA  . CYS A 1 32 ? 2.937   8.478   -4.711  1.00 0.00 ? 32 CYS A CA  1 
ATOM   247 C  C   . CYS A 1 32 ? 1.778   7.498   -4.948  1.00 0.00 ? 32 CYS A C   1 
ATOM   248 O  O   . CYS A 1 32 ? 1.344   7.304   -6.066  1.00 0.00 ? 32 CYS A O   1 
ATOM   249 C  CB  . CYS A 1 32 ? 4.146   8.109   -5.597  1.00 0.00 ? 32 CYS A CB  1 
ATOM   250 S  SG  . CYS A 1 32 ? 4.268   6.308   -5.818  1.00 0.00 ? 32 CYS A SG  1 
ATOM   251 N  N   . LEU A 1 33 ? 1.289   6.862   -3.918  1.00 0.00 ? 33 LEU A N   1 
ATOM   252 C  CA  . LEU A 1 33 ? 0.182   5.886   -4.116  1.00 0.00 ? 33 LEU A CA  1 
ATOM   253 C  C   . LEU A 1 33 ? -1.051  6.306   -3.323  1.00 0.00 ? 33 LEU A C   1 
ATOM   254 O  O   . LEU A 1 33 ? -0.964  6.803   -2.219  1.00 0.00 ? 33 LEU A O   1 
ATOM   255 C  CB  . LEU A 1 33 ? 0.661   4.509   -3.641  1.00 0.00 ? 33 LEU A CB  1 
ATOM   256 C  CG  . LEU A 1 33 ? -0.322  3.396   -4.029  1.00 0.00 ? 33 LEU A CG  1 
ATOM   257 C  CD1 . LEU A 1 33 ? -1.451  3.337   -3.009  1.00 0.00 ? 33 LEU A CD1 1 
ATOM   258 C  CD2 . LEU A 1 33 ? -0.897  3.628   -5.432  1.00 0.00 ? 33 LEU A CD2 1 
ATOM   259 N  N   . GLU A 1 34 ? -2.199  6.094   -3.896  1.00 0.00 ? 34 GLU A N   1 
ATOM   260 C  CA  . GLU A 1 34 ? -3.472  6.444   -3.219  1.00 0.00 ? 34 GLU A CA  1 
ATOM   261 C  C   . GLU A 1 34 ? -4.617  5.833   -4.018  1.00 0.00 ? 34 GLU A C   1 
ATOM   262 O  O   . GLU A 1 34 ? -5.426  6.527   -4.600  1.00 0.00 ? 34 GLU A O   1 
ATOM   263 C  CB  . GLU A 1 34 ? -3.620  7.960   -3.157  1.00 0.00 ? 34 GLU A CB  1 
ATOM   264 C  CG  . GLU A 1 34 ? -3.313  8.559   -4.530  1.00 0.00 ? 34 GLU A CG  1 
ATOM   265 C  CD  . GLU A 1 34 ? -4.303  9.686   -4.827  1.00 0.00 ? 34 GLU A CD  1 
ATOM   266 O  OE1 . GLU A 1 34 ? -4.797  10.279  -3.883  1.00 0.00 ? 34 GLU A OE1 1 
ATOM   267 O  OE2 . GLU A 1 34 ? -4.551  9.936   -5.995  1.00 0.00 ? 34 GLU A OE2 1 
ATOM   268 N  N   . ALA A 1 35 ? -4.673  4.528   -4.070  1.00 0.00 ? 35 ALA A N   1 
ATOM   269 C  CA  . ALA A 1 35 ? -5.742  3.863   -4.851  1.00 0.00 ? 35 ALA A CA  1 
ATOM   270 C  C   . ALA A 1 35 ? -5.820  4.528   -6.219  1.00 0.00 ? 35 ALA A C   1 
ATOM   271 O  O   . ALA A 1 35 ? -6.845  4.533   -6.871  1.00 0.00 ? 35 ALA A O   1 
ATOM   272 C  CB  . ALA A 1 35 ? -7.072  4.018   -4.129  1.00 0.00 ? 35 ALA A CB  1 
ATOM   273 N  N   . SER A 1 36 ? -4.733  5.103   -6.647  1.00 0.00 ? 36 SER A N   1 
ATOM   274 C  CA  . SER A 1 36 ? -4.719  5.788   -7.967  1.00 0.00 ? 36 SER A CA  1 
ATOM   275 C  C   . SER A 1 36 ? -4.340  4.795   -9.064  1.00 0.00 ? 36 SER A C   1 
ATOM   276 O  O   . SER A 1 36 ? -4.631  5.008   -10.225 1.00 0.00 ? 36 SER A O   1 
ATOM   277 C  CB  . SER A 1 36 ? -3.699  6.927   -7.936  1.00 0.00 ? 36 SER A CB  1 
ATOM   278 O  OG  . SER A 1 36 ? -4.367  8.149   -7.645  1.00 0.00 ? 36 SER A OG  1 
ATOM   279 N  N   . GLY A 1 37 ? -3.692  3.712   -8.724  1.00 0.00 ? 37 GLY A N   1 
ATOM   280 C  CA  . GLY A 1 37 ? -3.315  2.739   -9.790  1.00 0.00 ? 37 GLY A CA  1 
ATOM   281 C  C   . GLY A 1 37 ? -2.651  1.490   -9.199  1.00 0.00 ? 37 GLY A C   1 
ATOM   282 O  O   . GLY A 1 37 ? -1.743  0.935   -9.785  1.00 0.00 ? 37 GLY A O   1 
ATOM   283 N  N   . MET A 1 38 ? -3.101  1.019   -8.068  1.00 0.00 ? 38 MET A N   1 
ATOM   284 C  CA  . MET A 1 38 ? -2.488  -0.210  -7.496  1.00 0.00 ? 38 MET A CA  1 
ATOM   285 C  C   . MET A 1 38 ? -3.591  -1.240  -7.237  1.00 0.00 ? 38 MET A C   1 
ATOM   286 O  O   . MET A 1 38 ? -3.363  -2.422  -7.380  1.00 0.00 ? 38 MET A O   1 
ATOM   287 C  CB  . MET A 1 38 ? -1.742  0.114   -6.197  1.00 0.00 ? 38 MET A CB  1 
ATOM   288 C  CG  . MET A 1 38 ? -2.611  0.984   -5.291  1.00 0.00 ? 38 MET A CG  1 
ATOM   289 S  SD  . MET A 1 38 ? -3.738  -0.076  -4.350  1.00 0.00 ? 38 MET A SD  1 
ATOM   290 C  CE  . MET A 1 38 ? -3.453  0.668   -2.728  1.00 0.00 ? 38 MET A CE  1 
ATOM   291 N  N   . GLN A 1 39 ? -4.777  -0.778  -6.875  1.00 0.00 ? 39 GLN A N   1 
ATOM   292 C  CA  . GLN A 1 39 ? -5.957  -1.679  -6.609  1.00 0.00 ? 39 GLN A CA  1 
ATOM   293 C  C   . GLN A 1 39 ? -6.609  -1.275  -5.290  1.00 0.00 ? 39 GLN A C   1 
ATOM   294 O  O   . GLN A 1 39 ? -6.615  -2.025  -4.334  1.00 0.00 ? 39 GLN A O   1 
ATOM   295 C  CB  . GLN A 1 39 ? -5.559  -3.159  -6.526  1.00 0.00 ? 39 GLN A CB  1 
ATOM   296 C  CG  . GLN A 1 39 ? -5.425  -3.737  -7.941  1.00 0.00 ? 39 GLN A CG  1 
ATOM   297 C  CD  . GLN A 1 39 ? -6.703  -4.489  -8.315  1.00 0.00 ? 39 GLN A CD  1 
ATOM   298 O  OE1 . GLN A 1 39 ? -6.650  -5.625  -8.741  1.00 0.00 ? 39 GLN A OE1 1 
ATOM   299 N  NE2 . GLN A 1 39 ? -7.857  -3.897  -8.176  1.00 0.00 ? 39 GLN A NE2 1 
ATOM   300 N  N   . CYS A 1 40 ? -7.171  -0.099  -5.232  1.00 0.00 ? 40 CYS A N   1 
ATOM   301 C  CA  . CYS A 1 40 ? -7.833  0.336   -3.976  1.00 0.00 ? 40 CYS A CA  1 
ATOM   302 C  C   . CYS A 1 40 ? -8.755  1.530   -4.268  1.00 0.00 ? 40 CYS A C   1 
ATOM   303 O  O   . CYS A 1 40 ? -8.562  2.235   -5.238  1.00 0.00 ? 40 CYS A O   1 
ATOM   304 C  CB  . CYS A 1 40 ? -6.764  0.680   -2.931  1.00 0.00 ? 40 CYS A CB  1 
ATOM   305 S  SG  . CYS A 1 40 ? -6.517  -0.765  -1.897  1.00 0.00 ? 40 CYS A SG  1 
ATOM   306 N  N   . PRO A 1 41 ? -9.761  1.688   -3.439  1.00 0.00 ? 41 PRO A N   1 
ATOM   307 C  CA  . PRO A 1 41 ? -10.776 2.751   -3.589  1.00 0.00 ? 41 PRO A CA  1 
ATOM   308 C  C   . PRO A 1 41 ? -10.304 4.053   -2.940  1.00 0.00 ? 41 PRO A C   1 
ATOM   309 O  O   . PRO A 1 41 ? -10.511 4.263   -1.761  1.00 0.00 ? 41 PRO A O   1 
ATOM   310 C  CB  . PRO A 1 41 ? -11.975 2.195   -2.819  1.00 0.00 ? 41 PRO A CB  1 
ATOM   311 C  CG  . PRO A 1 41 ? -11.408 1.168   -1.805  1.00 0.00 ? 41 PRO A CG  1 
ATOM   312 C  CD  . PRO A 1 41 ? -9.982  0.816   -2.274  1.00 0.00 ? 41 PRO A CD  1 
ATOM   313 N  N   . ILE A 1 42 ? -9.686  4.925   -3.701  1.00 0.00 ? 42 ILE A N   1 
ATOM   314 C  CA  . ILE A 1 42 ? -9.196  6.226   -3.142  1.00 0.00 ? 42 ILE A CA  1 
ATOM   315 C  C   . ILE A 1 42 ? -8.813  6.050   -1.670  1.00 0.00 ? 42 ILE A C   1 
ATOM   316 O  O   . ILE A 1 42 ? -9.059  6.907   -0.844  1.00 0.00 ? 42 ILE A O   1 
ATOM   317 C  CB  . ILE A 1 42 ? -10.294 7.288   -3.268  1.00 0.00 ? 42 ILE A CB  1 
ATOM   318 C  CG1 . ILE A 1 42 ? -9.855  8.599   -2.589  1.00 0.00 ? 42 ILE A CG1 1 
ATOM   319 C  CG2 . ILE A 1 42 ? -11.570 6.775   -2.597  1.00 0.00 ? 42 ILE A CG2 1 
ATOM   320 C  CD1 . ILE A 1 42 ? -8.339  8.794   -2.728  1.00 0.00 ? 42 ILE A CD1 1 
ATOM   321 N  N   . CYS A 1 43 ? -8.227  4.930   -1.342  1.00 0.00 ? 43 CYS A N   1 
ATOM   322 C  CA  . CYS A 1 43 ? -7.832  4.663   0.067   1.00 0.00 ? 43 CYS A CA  1 
ATOM   323 C  C   . CYS A 1 43 ? -7.311  5.950   0.712   1.00 0.00 ? 43 CYS A C   1 
ATOM   324 O  O   . CYS A 1 43 ? -8.014  6.615   1.444   1.00 0.00 ? 43 CYS A O   1 
ATOM   325 C  CB  . CYS A 1 43 ? -6.741  3.594   0.079   1.00 0.00 ? 43 CYS A CB  1 
ATOM   326 S  SG  . CYS A 1 43 ? -7.526  1.994   0.436   1.00 0.00 ? 43 CYS A SG  1 
ATOM   327 N  N   . GLN A 1 44 ? -6.088  6.295   0.411   1.00 0.00 ? 44 GLN A N   1 
ATOM   328 C  CA  . GLN A 1 44 ? -5.457  7.543   0.956   1.00 0.00 ? 44 GLN A CA  1 
ATOM   329 C  C   . GLN A 1 44 ? -6.114  7.988   2.268   1.00 0.00 ? 44 GLN A C   1 
ATOM   330 O  O   . GLN A 1 44 ? -6.810  8.984   2.311   1.00 0.00 ? 44 GLN A O   1 
ATOM   331 C  CB  . GLN A 1 44 ? -5.597  8.662   -0.077  1.00 0.00 ? 44 GLN A CB  1 
ATOM   332 C  CG  . GLN A 1 44 ? -4.348  9.547   -0.045  1.00 0.00 ? 44 GLN A CG  1 
ATOM   333 C  CD  . GLN A 1 44 ? -4.722  10.941  0.461   1.00 0.00 ? 44 GLN A CD  1 
ATOM   334 O  OE1 . GLN A 1 44 ? -4.994  11.123  1.631   1.00 0.00 ? 44 GLN A OE1 1 
ATOM   335 N  NE2 . GLN A 1 44 ? -4.748  11.941  -0.378  1.00 0.00 ? 44 GLN A NE2 1 
ATOM   336 N  N   . ALA A 1 45 ? -5.888  7.282   3.345   1.00 0.00 ? 45 ALA A N   1 
ATOM   337 C  CA  . ALA A 1 45 ? -6.495  7.707   4.640   1.00 0.00 ? 45 ALA A CA  1 
ATOM   338 C  C   . ALA A 1 45 ? -5.925  6.871   5.798   1.00 0.00 ? 45 ALA A C   1 
ATOM   339 O  O   . ALA A 1 45 ? -5.261  7.410   6.661   1.00 0.00 ? 45 ALA A O   1 
ATOM   340 C  CB  . ALA A 1 45 ? -8.017  7.566   4.575   1.00 0.00 ? 45 ALA A CB  1 
ATOM   341 N  N   . PRO A 1 46 ? -6.186  5.579   5.794   1.00 0.00 ? 46 PRO A N   1 
ATOM   342 C  CA  . PRO A 1 46 ? -5.685  4.672   6.852   1.00 0.00 ? 46 PRO A CA  1 
ATOM   343 C  C   . PRO A 1 46 ? -4.223  4.273   6.589   1.00 0.00 ? 46 PRO A C   1 
ATOM   344 O  O   . PRO A 1 46 ? -3.775  3.228   7.011   1.00 0.00 ? 46 PRO A O   1 
ATOM   345 C  CB  . PRO A 1 46 ? -6.589  3.446   6.725   1.00 0.00 ? 46 PRO A CB  1 
ATOM   346 C  CG  . PRO A 1 46 ? -7.136  3.456   5.278   1.00 0.00 ? 46 PRO A CG  1 
ATOM   347 C  CD  . PRO A 1 46 ? -6.999  4.900   4.761   1.00 0.00 ? 46 PRO A CD  1 
ATOM   348 N  N   . TRP A 1 47 ? -3.486  5.092   5.884   1.00 0.00 ? 47 TRP A N   1 
ATOM   349 C  CA  . TRP A 1 47 ? -2.064  4.764   5.570   1.00 0.00 ? 47 TRP A CA  1 
ATOM   350 C  C   . TRP A 1 47 ? -1.235  4.486   6.835   1.00 0.00 ? 47 TRP A C   1 
ATOM   351 O  O   . TRP A 1 47 ? -0.449  3.561   6.846   1.00 0.00 ? 47 TRP A O   1 
ATOM   352 C  CB  . TRP A 1 47 ? -1.444  5.934   4.805   1.00 0.00 ? 47 TRP A CB  1 
ATOM   353 C  CG  . TRP A 1 47 ? -0.833  5.440   3.540   1.00 0.00 ? 47 TRP A CG  1 
ATOM   354 C  CD1 . TRP A 1 47 ? 0.400   4.895   3.434   1.00 0.00 ? 47 TRP A CD1 1 
ATOM   355 C  CD2 . TRP A 1 47 ? -1.400  5.440   2.202   1.00 0.00 ? 47 TRP A CD2 1 
ATOM   356 N  NE1 . TRP A 1 47 ? 0.623   4.557   2.114   1.00 0.00 ? 47 TRP A NE1 1 
ATOM   357 C  CE2 . TRP A 1 47 ? -0.460  4.868   1.317   1.00 0.00 ? 47 TRP A CE2 1 
ATOM   358 C  CE3 . TRP A 1 47 ? -2.629  5.873   1.671   1.00 0.00 ? 47 TRP A CE3 1 
ATOM   359 C  CZ2 . TRP A 1 47 ? -0.729  4.728   -0.039  1.00 0.00 ? 47 TRP A CZ2 1 
ATOM   360 C  CZ3 . TRP A 1 47 ? -2.897  5.733   0.303   1.00 0.00 ? 47 TRP A CZ3 1 
ATOM   361 C  CH2 . TRP A 1 47 ? -1.949  5.159   -0.547  1.00 0.00 ? 47 TRP A CH2 1 
ATOM   362 N  N   . PRO A 1 48 ? -1.401  5.292   7.855   1.00 0.00 ? 48 PRO A N   1 
ATOM   363 C  CA  . PRO A 1 48 ? -0.632  5.127   9.103   1.00 0.00 ? 48 PRO A CA  1 
ATOM   364 C  C   . PRO A 1 48 ? -1.140  3.930   9.912   1.00 0.00 ? 48 PRO A C   1 
ATOM   365 O  O   . PRO A 1 48 ? -0.409  3.344   10.685  1.00 0.00 ? 48 PRO A O   1 
ATOM   366 C  CB  . PRO A 1 48 ? -0.849  6.451   9.840   1.00 0.00 ? 48 PRO A CB  1 
ATOM   367 C  CG  . PRO A 1 48 ? -2.143  7.068   9.259   1.00 0.00 ? 48 PRO A CG  1 
ATOM   368 C  CD  . PRO A 1 48 ? -2.357  6.421   7.878   1.00 0.00 ? 48 PRO A CD  1 
ATOM   369 N  N   . LEU A 1 49 ? -2.377  3.552   9.739   1.00 0.00 ? 49 LEU A N   1 
ATOM   370 C  CA  . LEU A 1 49 ? -2.903  2.382   10.500  1.00 0.00 ? 49 LEU A CA  1 
ATOM   371 C  C   . LEU A 1 49 ? -2.843  1.132   9.617   1.00 0.00 ? 49 LEU A C   1 
ATOM   372 O  O   . LEU A 1 49 ? -3.481  1.060   8.585   1.00 0.00 ? 49 LEU A O   1 
ATOM   373 C  CB  . LEU A 1 49 ? -4.351  2.650   10.918  1.00 0.00 ? 49 LEU A CB  1 
ATOM   374 C  CG  . LEU A 1 49 ? -4.471  2.511   12.437  1.00 0.00 ? 49 LEU A CG  1 
ATOM   375 C  CD1 . LEU A 1 49 ? -5.868  2.946   12.882  1.00 0.00 ? 49 LEU A CD1 1 
ATOM   376 C  CD2 . LEU A 1 49 ? -4.241  1.052   12.834  1.00 0.00 ? 49 LEU A CD2 1 
ATOM   377 N  N   . GLY A 1 50 ? -2.078  0.146   10.010  1.00 0.00 ? 50 GLY A N   1 
ATOM   378 C  CA  . GLY A 1 50 ? -1.978  -1.095  9.184   1.00 0.00 ? 50 GLY A CA  1 
ATOM   379 C  C   . GLY A 1 50 ? -2.348  -2.317  10.035  1.00 0.00 ? 50 GLY A C   1 
ATOM   380 O  O   . GLY A 1 50 ? -2.312  -2.268  11.248  1.00 0.00 ? 50 GLY A O   1 
ATOM   381 N  N   . ALA A 1 51 ? -2.701  -3.418  9.415   1.00 0.00 ? 51 ALA A N   1 
ATOM   382 C  CA  . ALA A 1 51 ? -3.063  -4.627  10.208  1.00 0.00 ? 51 ALA A CA  1 
ATOM   383 C  C   . ALA A 1 51 ? -1.869  -5.589  10.236  1.00 0.00 ? 51 ALA A C   1 
ATOM   384 O  O   . ALA A 1 51 ? -0.934  -5.405  10.990  1.00 0.00 ? 51 ALA A O   1 
ATOM   385 C  CB  . ALA A 1 51 ? -4.273  -5.313  9.571   1.00 0.00 ? 51 ALA A CB  1 
ATOM   386 N  N   . ASP A 1 52 ? -1.881  -6.607  9.415   1.00 0.00 ? 52 ASP A N   1 
ATOM   387 C  CA  . ASP A 1 52 ? -0.738  -7.562  9.399   1.00 0.00 ? 52 ASP A CA  1 
ATOM   388 C  C   . ASP A 1 52 ? 0.113   -7.295  8.158   1.00 0.00 ? 52 ASP A C   1 
ATOM   389 O  O   . ASP A 1 52 ? -0.063  -7.915  7.128   1.00 0.00 ? 52 ASP A O   1 
ATOM   390 C  CB  . ASP A 1 52 ? -1.264  -8.999  9.360   1.00 0.00 ? 52 ASP A CB  1 
ATOM   391 C  CG  . ASP A 1 52 ? -2.491  -9.069  8.450   1.00 0.00 ? 52 ASP A CG  1 
ATOM   392 O  OD1 . ASP A 1 52 ? -2.498  -8.380  7.443   1.00 0.00 ? 52 ASP A OD1 1 
ATOM   393 O  OD2 . ASP A 1 52 ? -3.403  -9.811  8.776   1.00 0.00 ? 52 ASP A OD2 1 
ATOM   394 N  N   . THR A 1 53 ? 1.031   -6.371  8.242   1.00 0.00 ? 53 THR A N   1 
ATOM   395 C  CA  . THR A 1 53 ? 1.882   -6.062  7.059   1.00 0.00 ? 53 THR A CA  1 
ATOM   396 C  C   . THR A 1 53 ? 3.359   -6.066  7.473   1.00 0.00 ? 53 THR A C   1 
ATOM   397 O  O   . THR A 1 53 ? 3.678   -6.305  8.620   1.00 0.00 ? 53 THR A O   1 
ATOM   398 C  CB  . THR A 1 53 ? 1.512   -4.684  6.493   1.00 0.00 ? 53 THR A CB  1 
ATOM   399 O  OG1 . THR A 1 53 ? 2.461   -3.723  6.933   1.00 0.00 ? 53 THR A OG1 1 
ATOM   400 C  CG2 . THR A 1 53 ? 0.117   -4.271  6.965   1.00 0.00 ? 53 THR A CG2 1 
ATOM   401 N  N   . PRO A 1 54 ? 4.214   -5.803  6.515   1.00 0.00 ? 54 PRO A N   1 
ATOM   402 C  CA  . PRO A 1 54 ? 5.670   -5.771  6.734   1.00 0.00 ? 54 PRO A CA  1 
ATOM   403 C  C   . PRO A 1 54 ? 6.089   -4.421  7.322   1.00 0.00 ? 54 PRO A C   1 
ATOM   404 O  O   . PRO A 1 54 ? 6.834   -4.353  8.278   1.00 0.00 ? 54 PRO A O   1 
ATOM   405 C  CB  . PRO A 1 54 ? 6.244   -5.952  5.325   1.00 0.00 ? 54 PRO A CB  1 
ATOM   406 C  CG  . PRO A 1 54 ? 5.136   -5.505  4.340   1.00 0.00 ? 54 PRO A CG  1 
ATOM   407 C  CD  . PRO A 1 54 ? 3.809   -5.517  5.124   1.00 0.00 ? 54 PRO A CD  1 
ATOM   408 N  N   . ALA A 1 55 ? 5.615   -3.347  6.753   1.00 0.00 ? 55 ALA A N   1 
ATOM   409 C  CA  . ALA A 1 55 ? 5.984   -2.001  7.274   1.00 0.00 ? 55 ALA A CA  1 
ATOM   410 C  C   . ALA A 1 55 ? 7.426   -1.678  6.876   1.00 0.00 ? 55 ALA A C   1 
ATOM   411 O  O   . ALA A 1 55 ? 8.082   -2.449  6.203   1.00 0.00 ? 55 ALA A O   1 
ATOM   412 C  CB  . ALA A 1 55 ? 5.859   -1.991  8.799   1.00 0.00 ? 55 ALA A CB  1 
ATOM   413 N  N   . LEU A 1 56 ? 7.923   -0.543  7.283   1.00 0.00 ? 56 LEU A N   1 
ATOM   414 C  CA  . LEU A 1 56 ? 9.321   -0.169  6.925   1.00 0.00 ? 56 LEU A CA  1 
ATOM   415 C  C   . LEU A 1 56 ? 9.935   0.654   8.060   1.00 0.00 ? 56 LEU A C   1 
ATOM   416 O  O   . LEU A 1 56 ? 9.193   1.058   8.941   1.00 0.00 ? 56 LEU A O   1 
ATOM   417 C  CB  . LEU A 1 56 ? 9.311   0.661   5.641   1.00 0.00 ? 56 LEU A CB  1 
ATOM   418 C  CG  . LEU A 1 56 ? 8.050   1.529   5.604   1.00 0.00 ? 56 LEU A CG  1 
ATOM   419 C  CD1 . LEU A 1 56 ? 8.401   2.919   5.071   1.00 0.00 ? 56 LEU A CD1 1 
ATOM   420 C  CD2 . LEU A 1 56 ? 7.011   0.879   4.686   1.00 0.00 ? 56 LEU A CD2 1 
ATOM   421 O  OXT . LEU A 1 56 ? 11.136  0.867   8.027   1.00 0.00 ? 56 LEU A OXT 1 
HETATM 422 ZN ZN  . ZN  B 2 .  ? 6.137   5.383   -4.849  1.00 0.00 ? 57 ZN  A ZN  1 
HETATM 423 ZN ZN  . ZN  C 2 .  ? -6.114  0.225   0.102   1.00 0.00 ? 58 ZN  A ZN  1 
# 
